data_6GKL
#
_entry.id   6GKL
#
_cell.length_a   38.170
_cell.length_b   38.180
_cell.length_c   147.020
_cell.angle_alpha   88.80
_cell.angle_beta   84.67
_cell.angle_gamma   76.13
#
_symmetry.space_group_name_H-M   'P 1'
#
loop_
_entity.id
_entity.type
_entity.pdbx_description
1 polymer 'Eukaryotic translation initiation factor 4E'
2 non-polymer '[[[(2~{R},3~{S},4~{R},5~{R})-5-(6-aminopurin-9-yl)-3-[[(2~{R},3~{S},4~{R},5~{R})-5-(6-azanyl-4,5-dihydropurin-9-yl)-3,4-bis(oxidanyl)oxolan-2-yl]methoxy-oxidanyl-phosphoryl]oxy-4-oxidanyl-oxolan-2-yl]methoxy-oxidanyl-phosphoryl]oxy-sulfanyl-phosphoryl] [(2~{R},3~{S},4~{R},5~{R})-5-(2-azanyl-7-methyl-6-oxidanylidene-1~{H}-purin-9-yl)-3,4-bis(oxidanyl)oxolan-2-yl]methyl hydrogen phosphate'
3 non-polymer GLYCEROL
4 water water
#
_entity_poly.entity_id   1
_entity_poly.type   'polypeptide(L)'
_entity_poly.pdbx_seq_one_letter_code
;VANPEHYIKHPLQNRWALWFFKNDKSKTWQANLRLISKFDTVEDFWALYNHIQLSSNLMPGCDYSLFKDGIEPMWEDEKN
KRGGRWLITLNKQQRRSDLDRFWLETLLCLIGESFDDYSDDVCGAVVNVRAKGDKIAIWTTECENRDAVTHIGRVYKERL
GLPPKIVIGYQSHADTATKSGSTTKNRFVV
;
_entity_poly.pdbx_strand_id   A,B,C,D
#
loop_
_chem_comp.id
_chem_comp.type
_chem_comp.name
_chem_comp.formula
G0Z non-polymer '[[[(2~{R},3~{S},4~{R},5~{R})-5-(6-aminopurin-9-yl)-3-[[(2~{R},3~{S},4~{R},5~{R})-5-(6-azanyl-4,5-dihydropurin-9-yl)-3,4-bis(oxidanyl)oxolan-2-yl]methoxy-oxidanyl-phosphoryl]oxy-4-oxidanyl-oxolan-2-yl]methoxy-oxidanyl-phosphoryl]oxy-sulfanyl-phosphoryl] [(2~{R},3~{S},4~{R},5~{R})-5-(2-azanyl-7-methyl-6-oxidanylidene-1~{H}-purin-9-yl)-3,4-bis(oxidanyl)oxolan-2-yl]methyl hydrogen phosphate' 'C31 H45 N15 O22 P4 S'
GOL non-polymer GLYCEROL 'C3 H8 O3'
#
# COMPACT_ATOMS: atom_id res chain seq x y z
N PRO A 4 -43.47 7.83 -17.83
CA PRO A 4 -42.85 6.51 -17.74
C PRO A 4 -42.22 6.24 -16.39
N GLU A 5 -41.77 7.30 -15.72
CA GLU A 5 -41.14 7.12 -14.41
C GLU A 5 -42.05 6.43 -13.40
N HIS A 6 -43.36 6.41 -13.64
CA HIS A 6 -44.26 5.80 -12.68
C HIS A 6 -44.34 4.28 -12.83
N TYR A 7 -44.18 3.73 -14.04
CA TYR A 7 -44.40 2.31 -14.26
C TYR A 7 -43.23 1.52 -14.84
N ILE A 8 -42.12 2.15 -15.22
CA ILE A 8 -41.01 1.44 -15.87
C ILE A 8 -39.95 1.08 -14.84
N LYS A 9 -39.34 -0.09 -15.01
CA LYS A 9 -38.19 -0.46 -14.21
C LYS A 9 -36.96 0.30 -14.67
N HIS A 10 -35.98 0.38 -13.80
CA HIS A 10 -34.81 1.18 -14.13
C HIS A 10 -33.72 0.28 -14.67
N PRO A 11 -33.40 0.36 -15.96
CA PRO A 11 -32.47 -0.62 -16.54
C PRO A 11 -31.05 -0.34 -16.08
N LEU A 12 -30.30 -1.42 -15.84
CA LEU A 12 -28.89 -1.28 -15.53
C LEU A 12 -28.07 -1.19 -16.81
N GLN A 13 -26.84 -0.68 -16.66
CA GLN A 13 -25.97 -0.58 -17.82
C GLN A 13 -25.59 -1.96 -18.34
N ASN A 14 -25.61 -2.97 -17.47
CA ASN A 14 -25.31 -4.34 -17.88
C ASN A 14 -26.35 -5.31 -17.36
N ARG A 15 -26.43 -6.45 -18.04
CA ARG A 15 -27.13 -7.63 -17.54
C ARG A 15 -26.13 -8.43 -16.71
N TRP A 16 -26.56 -8.86 -15.52
CA TRP A 16 -25.68 -9.55 -14.59
C TRP A 16 -26.22 -10.94 -14.28
N ALA A 17 -25.30 -11.86 -13.95
CA ALA A 17 -25.63 -13.23 -13.60
C ALA A 17 -25.02 -13.54 -12.23
N LEU A 18 -25.84 -14.08 -11.34
CA LEU A 18 -25.33 -14.47 -10.03
C LEU A 18 -25.15 -15.98 -10.03
N TRP A 19 -24.02 -16.43 -9.50
CA TRP A 19 -23.66 -17.84 -9.44
C TRP A 19 -23.53 -18.26 -7.98
N PHE A 20 -23.72 -19.56 -7.74
CA PHE A 20 -23.54 -20.15 -6.43
C PHE A 20 -22.61 -21.34 -6.54
N PHE A 21 -21.73 -21.48 -5.54
CA PHE A 21 -20.83 -22.61 -5.45
C PHE A 21 -21.07 -23.29 -4.12
N LYS A 22 -21.18 -24.62 -4.16
CA LYS A 22 -21.33 -25.43 -2.95
C LYS A 22 -20.29 -26.53 -3.02
N ASN A 23 -19.37 -26.54 -2.06
CA ASN A 23 -18.29 -27.52 -2.14
C ASN A 23 -18.84 -28.89 -1.81
N ASP A 24 -18.69 -29.81 -2.75
CA ASP A 24 -19.08 -31.20 -2.55
C ASP A 24 -17.98 -32.02 -3.20
N LYS A 25 -17.25 -32.76 -2.37
CA LYS A 25 -16.10 -33.49 -2.83
C LYS A 25 -16.47 -34.68 -3.71
N SER A 26 -17.77 -34.96 -3.84
CA SER A 26 -18.20 -35.98 -4.80
C SER A 26 -18.04 -35.48 -6.23
N LYS A 27 -17.92 -34.17 -6.44
CA LYS A 27 -17.94 -33.59 -7.78
C LYS A 27 -16.69 -32.77 -8.06
N THR A 28 -16.41 -32.58 -9.34
CA THR A 28 -15.35 -31.66 -9.72
C THR A 28 -15.71 -30.23 -9.32
N TRP A 29 -14.70 -29.35 -9.34
CA TRP A 29 -14.93 -27.96 -8.96
C TRP A 29 -15.94 -27.30 -9.88
N GLN A 30 -15.81 -27.51 -11.19
CA GLN A 30 -16.71 -26.85 -12.14
C GLN A 30 -18.14 -27.37 -12.01
N ALA A 31 -18.30 -28.65 -11.69
CA ALA A 31 -19.63 -29.21 -11.53
C ALA A 31 -20.34 -28.65 -10.29
N ASN A 32 -19.59 -28.05 -9.36
CA ASN A 32 -20.18 -27.45 -8.17
C ASN A 32 -20.62 -26.02 -8.37
N LEU A 33 -20.30 -25.44 -9.52
CA LEU A 33 -20.67 -24.07 -9.87
C LEU A 33 -21.96 -24.09 -10.68
N ARG A 34 -22.95 -23.32 -10.23
CA ARG A 34 -24.27 -23.33 -10.86
C ARG A 34 -24.79 -21.91 -10.98
N LEU A 35 -25.39 -21.60 -12.13
CA LEU A 35 -25.99 -20.29 -12.30
C LEU A 35 -27.34 -20.24 -11.59
N ILE A 36 -27.52 -19.21 -10.76
CA ILE A 36 -28.77 -19.05 -10.01
C ILE A 36 -29.83 -18.35 -10.85
N SER A 37 -29.55 -17.10 -11.23
CA SER A 37 -30.47 -16.35 -12.07
C SER A 37 -29.76 -15.11 -12.60
N LYS A 38 -30.44 -14.43 -13.52
CA LYS A 38 -29.94 -13.24 -14.17
C LYS A 38 -30.91 -12.09 -13.97
N PHE A 39 -30.38 -10.86 -14.03
CA PHE A 39 -31.17 -9.66 -13.88
C PHE A 39 -30.51 -8.53 -14.66
N ASP A 40 -31.33 -7.54 -15.04
CA ASP A 40 -30.75 -6.37 -15.69
C ASP A 40 -31.50 -5.08 -15.34
N THR A 41 -32.20 -5.01 -14.21
CA THR A 41 -32.78 -3.78 -13.69
C THR A 41 -32.49 -3.65 -12.20
N VAL A 42 -32.62 -2.41 -11.70
CA VAL A 42 -32.51 -2.17 -10.26
C VAL A 42 -33.53 -3.00 -9.50
N GLU A 43 -34.79 -3.01 -9.96
CA GLU A 43 -35.84 -3.72 -9.21
C GLU A 43 -35.58 -5.21 -9.15
N ASP A 44 -35.15 -5.81 -10.26
CA ASP A 44 -34.89 -7.25 -10.24
C ASP A 44 -33.62 -7.58 -9.46
N PHE A 45 -32.66 -6.66 -9.38
CA PHE A 45 -31.52 -6.91 -8.49
C PHE A 45 -31.97 -7.02 -7.04
N TRP A 46 -32.78 -6.07 -6.60
CA TRP A 46 -33.18 -6.05 -5.19
C TRP A 46 -34.13 -7.19 -4.85
N ALA A 47 -34.99 -7.61 -5.79
CA ALA A 47 -35.83 -8.78 -5.57
C ALA A 47 -34.99 -10.03 -5.38
N LEU A 48 -33.92 -10.19 -6.17
CA LEU A 48 -33.04 -11.34 -6.00
C LEU A 48 -32.24 -11.23 -4.70
N TYR A 49 -31.67 -10.06 -4.41
CA TYR A 49 -30.86 -9.90 -3.21
C TYR A 49 -31.66 -10.18 -1.94
N ASN A 50 -32.88 -9.64 -1.85
CA ASN A 50 -33.70 -9.88 -0.65
C ASN A 50 -34.17 -11.32 -0.54
N HIS A 51 -34.00 -12.13 -1.58
CA HIS A 51 -34.50 -13.50 -1.62
C HIS A 51 -33.47 -14.51 -1.13
N ILE A 52 -32.19 -14.17 -1.19
CA ILE A 52 -31.10 -15.12 -1.02
C ILE A 52 -30.42 -14.90 0.32
N GLN A 53 -29.73 -15.95 0.79
CA GLN A 53 -29.00 -15.91 2.06
C GLN A 53 -27.96 -14.80 2.05
N LEU A 54 -27.75 -14.17 3.21
CA LEU A 54 -26.56 -13.34 3.36
C LEU A 54 -25.33 -14.23 3.34
N SER A 55 -24.22 -13.66 2.85
CA SER A 55 -23.00 -14.44 2.70
C SER A 55 -22.53 -14.98 4.05
N SER A 56 -22.71 -14.20 5.12
CA SER A 56 -22.31 -14.65 6.45
C SER A 56 -23.15 -15.81 6.95
N ASN A 57 -24.23 -16.18 6.27
CA ASN A 57 -25.06 -17.30 6.70
CA ASN A 57 -25.06 -17.30 6.69
C ASN A 57 -24.84 -18.57 5.88
N LEU A 58 -24.02 -18.50 4.82
CA LEU A 58 -23.75 -19.69 4.03
C LEU A 58 -22.76 -20.60 4.75
N MET A 59 -22.91 -21.91 4.51
CA MET A 59 -21.97 -22.88 5.06
C MET A 59 -20.56 -22.67 4.51
N PRO A 60 -19.53 -22.94 5.30
CA PRO A 60 -18.15 -22.86 4.79
C PRO A 60 -17.95 -23.70 3.54
N GLY A 61 -17.17 -23.18 2.61
CA GLY A 61 -16.97 -23.83 1.33
C GLY A 61 -17.90 -23.37 0.23
N CYS A 62 -18.71 -22.34 0.47
CA CYS A 62 -19.63 -21.82 -0.54
C CYS A 62 -19.14 -20.47 -1.06
N ASP A 63 -19.53 -20.14 -2.30
CA ASP A 63 -19.23 -18.88 -2.96
C ASP A 63 -20.50 -18.33 -3.59
N TYR A 64 -20.64 -17.00 -3.55
CA TYR A 64 -21.47 -16.26 -4.50
C TYR A 64 -20.54 -15.61 -5.51
N SER A 65 -20.98 -15.57 -6.78
CA SER A 65 -20.27 -14.86 -7.83
C SER A 65 -21.29 -14.05 -8.63
N LEU A 66 -21.03 -12.75 -8.80
CA LEU A 66 -21.82 -11.91 -9.69
C LEU A 66 -20.94 -11.46 -10.85
N PHE A 67 -21.31 -11.87 -12.07
CA PHE A 67 -20.53 -11.57 -13.26
C PHE A 67 -21.41 -11.05 -14.39
N LYS A 68 -20.80 -10.27 -15.27
CA LYS A 68 -21.50 -9.77 -16.44
C LYS A 68 -21.98 -10.95 -17.29
N ASP A 69 -23.19 -10.83 -17.82
CA ASP A 69 -23.78 -11.87 -18.67
C ASP A 69 -22.80 -12.32 -19.74
N GLY A 70 -22.62 -13.63 -19.86
CA GLY A 70 -21.69 -14.16 -20.84
C GLY A 70 -20.29 -14.40 -20.33
N ILE A 71 -19.99 -14.06 -19.07
CA ILE A 71 -18.69 -14.33 -18.45
C ILE A 71 -18.90 -15.31 -17.31
N GLU A 72 -18.29 -16.52 -17.42
CA GLU A 72 -18.38 -17.47 -16.32
C GLU A 72 -17.33 -17.16 -15.26
N PRO A 73 -17.65 -17.41 -13.96
CA PRO A 73 -16.76 -16.98 -12.86
C PRO A 73 -15.58 -17.93 -12.65
N MET A 74 -14.79 -18.15 -13.71
CA MET A 74 -13.66 -19.06 -13.60
C MET A 74 -12.48 -18.51 -14.41
N TRP A 75 -11.27 -18.91 -14.01
CA TRP A 75 -10.06 -18.43 -14.69
C TRP A 75 -10.09 -18.73 -16.19
N GLU A 76 -10.69 -19.83 -16.59
CA GLU A 76 -10.55 -20.26 -17.98
C GLU A 76 -11.38 -19.45 -18.96
N ASP A 77 -12.28 -18.60 -18.48
CA ASP A 77 -13.11 -17.84 -19.41
C ASP A 77 -12.24 -16.87 -20.19
N GLU A 78 -12.62 -16.64 -21.45
CA GLU A 78 -11.81 -15.81 -22.33
C GLU A 78 -11.54 -14.44 -21.73
N LYS A 79 -12.52 -13.89 -20.99
CA LYS A 79 -12.36 -12.57 -20.40
C LYS A 79 -11.70 -12.60 -19.02
N ASN A 80 -11.36 -13.80 -18.51
CA ASN A 80 -10.63 -13.97 -17.26
C ASN A 80 -9.20 -14.47 -17.43
N LYS A 81 -8.82 -14.99 -18.61
CA LYS A 81 -7.49 -15.60 -18.78
C LYS A 81 -6.36 -14.63 -18.44
N ARG A 82 -6.43 -13.41 -18.97
CA ARG A 82 -5.37 -12.43 -18.83
C ARG A 82 -5.56 -11.47 -17.66
N GLY A 83 -6.58 -11.68 -16.83
CA GLY A 83 -6.94 -10.74 -15.80
C GLY A 83 -6.48 -11.16 -14.42
N GLY A 84 -7.11 -10.55 -13.41
CA GLY A 84 -6.74 -10.79 -12.03
C GLY A 84 -7.84 -10.31 -11.13
N ARG A 85 -7.50 -10.10 -9.86
CA ARG A 85 -8.49 -9.76 -8.85
C ARG A 85 -7.92 -8.79 -7.82
N TRP A 86 -8.74 -7.83 -7.40
CA TRP A 86 -8.48 -7.04 -6.21
C TRP A 86 -9.05 -7.80 -5.01
N LEU A 87 -8.17 -8.25 -4.13
CA LEU A 87 -8.54 -9.22 -3.09
C LEU A 87 -8.64 -8.57 -1.72
N ILE A 88 -9.78 -8.78 -1.05
CA ILE A 88 -9.98 -8.37 0.35
C ILE A 88 -10.03 -9.63 1.20
N THR A 89 -9.17 -9.71 2.21
CA THR A 89 -9.13 -10.85 3.13
C THR A 89 -9.74 -10.45 4.47
N LEU A 90 -10.62 -11.31 4.99
CA LEU A 90 -11.32 -11.05 6.24
C LEU A 90 -11.01 -12.17 7.22
N ASN A 91 -10.64 -11.82 8.44
CA ASN A 91 -10.49 -12.82 9.48
C ASN A 91 -11.87 -13.26 9.95
N LYS A 92 -11.89 -14.20 10.90
CA LYS A 92 -13.15 -14.75 11.38
CA LYS A 92 -13.16 -14.75 11.38
C LYS A 92 -14.00 -13.69 12.09
N GLN A 93 -13.34 -12.79 12.83
CA GLN A 93 -14.08 -11.70 13.44
C GLN A 93 -14.76 -10.82 12.38
N GLN A 94 -14.14 -10.67 11.22
CA GLN A 94 -14.70 -9.78 10.19
C GLN A 94 -15.88 -10.39 9.45
N ARG A 95 -16.03 -11.72 9.45
CA ARG A 95 -17.28 -12.29 8.95
C ARG A 95 -18.48 -11.65 9.65
N ARG A 96 -18.38 -11.47 10.97
CA ARG A 96 -19.47 -10.84 11.71
C ARG A 96 -19.62 -9.38 11.35
N SER A 97 -18.51 -8.63 11.33
CA SER A 97 -18.58 -7.17 11.27
CA SER A 97 -18.59 -7.17 11.27
C SER A 97 -18.61 -6.60 9.86
N ASP A 98 -17.98 -7.27 8.89
CA ASP A 98 -17.79 -6.62 7.59
C ASP A 98 -18.18 -7.44 6.36
N LEU A 99 -18.35 -8.75 6.45
CA LEU A 99 -18.51 -9.55 5.23
C LEU A 99 -19.74 -9.09 4.43
N ASP A 100 -20.91 -9.07 5.06
CA ASP A 100 -22.14 -8.80 4.32
C ASP A 100 -22.19 -7.36 3.82
N ARG A 101 -21.69 -6.40 4.61
CA ARG A 101 -21.71 -5.01 4.17
C ARG A 101 -20.68 -4.76 3.08
N PHE A 102 -19.47 -5.36 3.18
CA PHE A 102 -18.50 -5.24 2.10
C PHE A 102 -19.01 -5.91 0.82
N TRP A 103 -19.70 -7.04 0.96
CA TRP A 103 -20.19 -7.74 -0.23
C TRP A 103 -21.28 -6.92 -0.92
N LEU A 104 -22.17 -6.30 -0.13
CA LEU A 104 -23.22 -5.47 -0.72
C LEU A 104 -22.62 -4.27 -1.45
N GLU A 105 -21.65 -3.60 -0.83
CA GLU A 105 -21.00 -2.47 -1.50
C GLU A 105 -20.32 -2.91 -2.79
N THR A 106 -19.71 -4.09 -2.79
CA THR A 106 -19.11 -4.66 -3.99
C THR A 106 -20.15 -4.84 -5.09
N LEU A 107 -21.31 -5.41 -4.73
CA LEU A 107 -22.40 -5.60 -5.68
C LEU A 107 -22.84 -4.27 -6.27
N LEU A 108 -22.97 -3.24 -5.43
CA LEU A 108 -23.39 -1.92 -5.91
C LEU A 108 -22.32 -1.28 -6.78
N CYS A 109 -21.05 -1.44 -6.42
CA CYS A 109 -19.96 -0.95 -7.27
C CYS A 109 -20.05 -1.57 -8.66
N LEU A 110 -20.42 -2.84 -8.74
CA LEU A 110 -20.51 -3.54 -10.03
C LEU A 110 -21.67 -3.01 -10.87
N ILE A 111 -22.91 -3.18 -10.38
CA ILE A 111 -24.10 -2.89 -11.18
C ILE A 111 -24.26 -1.39 -11.38
N GLY A 112 -23.73 -0.58 -10.47
CA GLY A 112 -23.75 0.85 -10.61
C GLY A 112 -22.61 1.42 -11.42
N GLU A 113 -21.69 0.59 -11.90
CA GLU A 113 -20.57 1.02 -12.72
C GLU A 113 -19.79 2.16 -12.07
N SER A 114 -19.35 1.94 -10.83
CA SER A 114 -18.74 3.02 -10.05
C SER A 114 -17.30 3.31 -10.41
N PHE A 115 -16.73 2.66 -11.42
CA PHE A 115 -15.32 2.86 -11.74
C PHE A 115 -15.10 3.74 -12.97
N ASP A 116 -16.06 4.60 -13.29
CA ASP A 116 -15.92 5.62 -14.33
C ASP A 116 -15.63 4.93 -15.65
N ASP A 117 -14.67 5.39 -16.44
CA ASP A 117 -14.40 4.81 -17.75
C ASP A 117 -13.88 3.39 -17.66
N TYR A 118 -13.35 2.97 -16.51
CA TYR A 118 -12.73 1.67 -16.37
C TYR A 118 -13.70 0.59 -15.90
N SER A 119 -15.00 0.89 -15.83
CA SER A 119 -15.97 -0.16 -15.51
C SER A 119 -16.01 -1.26 -16.56
N ASP A 120 -15.65 -0.93 -17.81
CA ASP A 120 -15.63 -1.97 -18.84
C ASP A 120 -14.53 -3.00 -18.58
N ASP A 121 -13.52 -2.66 -17.78
CA ASP A 121 -12.47 -3.63 -17.45
C ASP A 121 -12.92 -4.60 -16.38
N VAL A 122 -14.04 -4.30 -15.72
CA VAL A 122 -14.57 -5.14 -14.67
C VAL A 122 -15.31 -6.33 -15.26
N CYS A 123 -15.00 -7.53 -14.78
CA CYS A 123 -15.72 -8.74 -15.17
C CYS A 123 -16.78 -9.16 -14.16
N GLY A 124 -16.48 -9.09 -12.88
CA GLY A 124 -17.40 -9.53 -11.85
C GLY A 124 -16.72 -9.57 -10.50
N ALA A 125 -17.39 -10.21 -9.54
CA ALA A 125 -16.85 -10.27 -8.19
C ALA A 125 -17.22 -11.59 -7.53
N VAL A 126 -16.39 -12.02 -6.57
CA VAL A 126 -16.55 -13.29 -5.86
C VAL A 126 -16.44 -13.05 -4.36
N VAL A 127 -17.31 -13.69 -3.58
CA VAL A 127 -17.12 -13.84 -2.14
C VAL A 127 -16.96 -15.32 -1.82
N ASN A 128 -15.86 -15.67 -1.15
CA ASN A 128 -15.56 -17.04 -0.74
C ASN A 128 -15.77 -17.09 0.77
N VAL A 129 -16.64 -17.99 1.23
CA VAL A 129 -16.87 -18.20 2.65
C VAL A 129 -16.05 -19.43 3.03
N ARG A 130 -15.09 -19.25 3.95
CA ARG A 130 -14.28 -20.37 4.42
C ARG A 130 -14.03 -20.29 5.92
N ALA A 131 -13.76 -21.45 6.53
CA ALA A 131 -13.52 -21.50 7.97
C ALA A 131 -12.19 -20.87 8.32
N LYS A 132 -11.23 -20.88 7.39
CA LYS A 132 -9.93 -20.27 7.62
C LYS A 132 -9.99 -18.75 7.50
N GLY A 133 -10.86 -18.24 6.64
CA GLY A 133 -11.01 -16.81 6.46
C GLY A 133 -11.73 -16.49 5.16
N ASP A 134 -12.71 -15.59 5.20
CA ASP A 134 -13.46 -15.31 3.99
C ASP A 134 -12.67 -14.34 3.11
N LYS A 135 -13.10 -14.25 1.85
CA LYS A 135 -12.48 -13.43 0.84
C LYS A 135 -13.53 -12.80 -0.06
N ILE A 136 -13.30 -11.55 -0.42
CA ILE A 136 -14.09 -10.85 -1.43
C ILE A 136 -13.10 -10.35 -2.47
N ALA A 137 -13.47 -10.47 -3.73
CA ALA A 137 -12.57 -10.04 -4.79
C ALA A 137 -13.37 -9.46 -5.93
N ILE A 138 -12.79 -8.47 -6.60
CA ILE A 138 -13.31 -7.96 -7.85
C ILE A 138 -12.36 -8.42 -8.95
N TRP A 139 -12.91 -9.07 -9.96
CA TRP A 139 -12.14 -9.61 -11.06
C TRP A 139 -12.20 -8.61 -12.22
N THR A 140 -11.03 -8.29 -12.78
CA THR A 140 -10.89 -7.43 -13.94
C THR A 140 -10.27 -8.23 -15.09
N THR A 141 -10.42 -7.72 -16.32
CA THR A 141 -10.17 -8.55 -17.49
C THR A 141 -8.73 -8.50 -18.03
N GLU A 142 -7.88 -7.60 -17.54
CA GLU A 142 -6.52 -7.50 -18.09
C GLU A 142 -5.56 -7.09 -16.98
N CYS A 143 -4.76 -8.06 -16.51
CA CYS A 143 -3.80 -7.80 -15.44
C CYS A 143 -2.68 -6.84 -15.82
N GLU A 144 -2.39 -6.68 -17.12
CA GLU A 144 -1.34 -5.75 -17.55
C GLU A 144 -1.84 -4.32 -17.76
N ASN A 145 -3.15 -4.09 -17.68
CA ASN A 145 -3.73 -2.75 -17.81
C ASN A 145 -3.53 -1.97 -16.50
N ARG A 146 -2.32 -1.42 -16.36
CA ARG A 146 -1.92 -0.80 -15.10
C ARG A 146 -2.85 0.34 -14.69
N ASP A 147 -3.24 1.18 -15.66
CA ASP A 147 -4.04 2.35 -15.32
C ASP A 147 -5.48 1.99 -14.97
N ALA A 148 -6.04 0.95 -15.59
CA ALA A 148 -7.38 0.51 -15.22
C ALA A 148 -7.39 -0.14 -13.83
N VAL A 149 -6.42 -1.03 -13.59
CA VAL A 149 -6.40 -1.79 -12.35
C VAL A 149 -6.22 -0.85 -11.17
N THR A 150 -5.21 0.03 -11.22
CA THR A 150 -4.96 0.95 -10.12
C THR A 150 -6.18 1.80 -9.81
N HIS A 151 -6.87 2.31 -10.84
CA HIS A 151 -8.03 3.16 -10.57
C HIS A 151 -9.16 2.36 -9.96
N ILE A 152 -9.40 1.16 -10.46
CA ILE A 152 -10.39 0.29 -9.81
C ILE A 152 -9.99 0.03 -8.37
N GLY A 153 -8.69 -0.10 -8.11
CA GLY A 153 -8.25 -0.41 -6.76
C GLY A 153 -8.47 0.73 -5.77
N ARG A 154 -8.22 1.98 -6.20
CA ARG A 154 -8.40 3.12 -5.31
C ARG A 154 -9.87 3.39 -5.06
N VAL A 155 -10.71 3.30 -6.09
CA VAL A 155 -12.13 3.53 -5.90
C VAL A 155 -12.71 2.46 -4.98
N TYR A 156 -12.41 1.19 -5.29
CA TYR A 156 -12.90 0.07 -4.47
C TYR A 156 -12.49 0.24 -3.02
N LYS A 157 -11.22 0.58 -2.77
CA LYS A 157 -10.74 0.68 -1.40
C LYS A 157 -11.47 1.75 -0.63
N GLU A 158 -11.66 2.92 -1.25
CA GLU A 158 -12.38 4.00 -0.56
C GLU A 158 -13.87 3.70 -0.44
N ARG A 159 -14.45 2.95 -1.39
CA ARG A 159 -15.87 2.62 -1.27
C ARG A 159 -16.11 1.65 -0.12
N LEU A 160 -15.10 0.84 0.23
CA LEU A 160 -15.25 -0.01 1.41
C LEU A 160 -14.89 0.72 2.70
N GLY A 161 -14.30 1.90 2.60
CA GLY A 161 -13.92 2.62 3.79
C GLY A 161 -12.67 2.12 4.46
N LEU A 162 -11.86 1.34 3.76
CA LEU A 162 -10.63 0.82 4.35
C LEU A 162 -9.66 1.95 4.62
N PRO A 163 -9.07 2.02 5.81
CA PRO A 163 -8.17 3.13 6.16
C PRO A 163 -6.82 2.99 5.47
N PRO A 164 -6.07 4.09 5.34
CA PRO A 164 -4.71 3.98 4.77
C PRO A 164 -3.82 3.01 5.51
N LYS A 165 -4.12 2.68 6.77
CA LYS A 165 -3.33 1.70 7.48
C LYS A 165 -3.43 0.32 6.84
N ILE A 166 -4.44 0.10 6.01
CA ILE A 166 -4.62 -1.19 5.36
C ILE A 166 -4.17 -1.06 3.92
N VAL A 167 -3.65 -2.15 3.39
CA VAL A 167 -3.20 -2.21 2.01
C VAL A 167 -3.85 -3.45 1.40
N ILE A 168 -4.31 -3.32 0.15
CA ILE A 168 -4.86 -4.45 -0.57
C ILE A 168 -4.00 -4.71 -1.80
N GLY A 169 -4.04 -5.97 -2.26
CA GLY A 169 -3.21 -6.41 -3.37
C GLY A 169 -4.05 -6.89 -4.54
N TYR A 170 -3.45 -6.84 -5.73
CA TYR A 170 -4.06 -7.33 -6.97
C TYR A 170 -3.21 -8.50 -7.45
N GLN A 171 -3.85 -9.65 -7.66
CA GLN A 171 -3.16 -10.87 -8.04
C GLN A 171 -3.67 -11.33 -9.40
N SER A 172 -2.75 -11.75 -10.27
CA SER A 172 -3.13 -12.31 -11.57
C SER A 172 -3.69 -13.72 -11.42
N HIS A 173 -4.71 -14.04 -12.23
CA HIS A 173 -5.24 -15.39 -12.19
C HIS A 173 -4.21 -16.40 -12.67
N ALA A 174 -3.39 -16.02 -13.64
CA ALA A 174 -2.34 -16.93 -14.09
C ALA A 174 -1.41 -17.28 -12.93
N ASP A 175 -1.15 -16.30 -12.04
CA ASP A 175 -0.38 -16.58 -10.84
C ASP A 175 -1.15 -17.46 -9.87
N THR A 176 -2.46 -17.22 -9.72
CA THR A 176 -3.25 -18.03 -8.80
C THR A 176 -3.43 -19.46 -9.33
N ALA A 177 -3.65 -19.60 -10.64
CA ALA A 177 -3.90 -20.91 -11.24
C ALA A 177 -2.68 -21.82 -11.24
N THR A 178 -1.46 -21.27 -11.19
CA THR A 178 -0.30 -22.13 -11.04
C THR A 178 -0.02 -22.48 -9.60
N LYS A 179 -0.89 -22.07 -8.67
CA LYS A 179 -0.79 -22.38 -7.25
C LYS A 179 0.48 -21.80 -6.66
N THR A 184 5.64 -13.70 -8.21
CA THR A 184 5.03 -12.38 -8.28
C THR A 184 3.59 -12.43 -7.82
N LYS A 185 3.39 -12.45 -6.50
CA LYS A 185 2.05 -12.61 -5.93
C LYS A 185 1.19 -11.37 -6.21
N ASN A 186 1.57 -10.23 -5.65
CA ASN A 186 0.83 -8.99 -5.84
C ASN A 186 1.48 -8.16 -6.94
N ARG A 187 0.75 -7.94 -8.04
CA ARG A 187 1.21 -7.03 -9.08
C ARG A 187 1.08 -5.58 -8.64
N PHE A 188 -0.07 -5.23 -8.05
CA PHE A 188 -0.34 -3.87 -7.63
C PHE A 188 -0.88 -3.88 -6.19
N VAL A 189 -0.59 -2.79 -5.47
CA VAL A 189 -1.17 -2.56 -4.15
C VAL A 189 -1.64 -1.12 -4.07
N VAL A 190 -2.80 -0.91 -3.47
CA VAL A 190 -3.27 0.44 -3.16
C VAL A 190 -3.54 0.51 -1.66
N VAL B 1 24.00 44.11 -27.08
CA VAL B 1 24.58 43.42 -25.94
C VAL B 1 25.09 42.05 -26.36
N ALA B 2 25.35 41.17 -25.39
CA ALA B 2 25.84 39.83 -25.64
C ALA B 2 24.72 38.81 -25.45
N ASN B 3 24.79 37.73 -26.23
CA ASN B 3 23.81 36.66 -26.16
C ASN B 3 23.89 35.96 -24.81
N PRO B 4 22.83 36.02 -23.99
CA PRO B 4 22.99 35.64 -22.58
C PRO B 4 23.27 34.16 -22.36
N GLU B 5 22.67 33.28 -23.16
CA GLU B 5 22.79 31.85 -22.90
C GLU B 5 24.23 31.36 -22.88
N HIS B 6 25.18 32.13 -23.40
CA HIS B 6 26.56 31.65 -23.40
C HIS B 6 27.27 31.88 -22.06
N TYR B 7 26.92 32.96 -21.34
CA TYR B 7 27.65 33.33 -20.13
C TYR B 7 26.79 33.46 -18.88
N ILE B 8 25.49 33.30 -18.96
CA ILE B 8 24.63 33.52 -17.81
C ILE B 8 24.40 32.19 -17.10
N LYS B 9 24.43 32.23 -15.77
CA LYS B 9 24.06 31.06 -14.97
C LYS B 9 22.55 30.88 -15.03
N HIS B 10 22.10 29.65 -14.83
CA HIS B 10 20.69 29.34 -14.97
C HIS B 10 20.02 29.41 -13.61
N PRO B 11 19.17 30.40 -13.35
CA PRO B 11 18.59 30.52 -12.01
C PRO B 11 17.55 29.45 -11.78
N LEU B 12 17.50 28.96 -10.54
CA LEU B 12 16.46 28.04 -10.12
C LEU B 12 15.22 28.82 -9.67
N GLN B 13 14.10 28.11 -9.62
CA GLN B 13 12.85 28.75 -9.23
C GLN B 13 12.89 29.24 -7.78
N ASN B 14 13.66 28.56 -6.94
CA ASN B 14 13.82 28.96 -5.54
C ASN B 14 15.29 28.99 -5.16
N ARG B 15 15.59 29.73 -4.10
CA ARG B 15 16.88 29.64 -3.45
C ARG B 15 16.83 28.50 -2.44
N TRP B 16 17.88 27.68 -2.44
CA TRP B 16 17.92 26.51 -1.59
C TRP B 16 19.06 26.59 -0.58
N ALA B 17 18.87 25.93 0.56
CA ALA B 17 19.87 25.85 1.62
C ALA B 17 20.08 24.39 1.99
N LEU B 18 21.33 23.96 2.04
CA LEU B 18 21.66 22.61 2.44
C LEU B 18 22.18 22.58 3.87
N TRP B 19 21.67 21.65 4.66
CA TRP B 19 22.01 21.50 6.06
C TRP B 19 22.71 20.17 6.27
N PHE B 20 23.52 20.10 7.32
CA PHE B 20 24.21 18.89 7.72
C PHE B 20 23.95 18.65 9.20
N PHE B 21 23.71 17.39 9.55
CA PHE B 21 23.52 16.98 10.93
C PHE B 21 24.53 15.89 11.26
N LYS B 22 25.16 16.01 12.43
CA LYS B 22 26.05 14.98 12.94
C LYS B 22 25.66 14.73 14.38
N ASN B 23 25.31 13.48 14.70
CA ASN B 23 24.86 13.16 16.04
C ASN B 23 26.04 13.25 17.01
N ASP B 24 25.89 14.06 18.04
CA ASP B 24 26.89 14.16 19.10
C ASP B 24 26.08 14.29 20.38
N LYS B 25 26.19 13.28 21.24
CA LYS B 25 25.37 13.18 22.42
C LYS B 25 25.70 14.23 23.48
N SER B 26 26.79 14.98 23.30
CA SER B 26 27.07 16.08 24.21
C SER B 26 26.18 17.29 23.97
N LYS B 27 25.51 17.37 22.80
CA LYS B 27 24.70 18.52 22.42
C LYS B 27 23.26 18.10 22.18
N THR B 28 22.36 19.06 22.28
CA THR B 28 20.97 18.82 21.87
C THR B 28 20.88 18.59 20.36
N TRP B 29 19.70 18.13 19.93
CA TRP B 29 19.49 17.84 18.51
C TRP B 29 19.65 19.10 17.67
N GLN B 30 19.06 20.23 18.12
CA GLN B 30 19.14 21.47 17.34
C GLN B 30 20.55 22.01 17.26
N ALA B 31 21.33 21.87 18.34
CA ALA B 31 22.72 22.34 18.31
C ALA B 31 23.58 21.48 17.39
N ASN B 32 23.12 20.28 17.03
CA ASN B 32 23.84 19.42 16.10
C ASN B 32 23.50 19.71 14.64
N LEU B 33 22.52 20.58 14.38
CA LEU B 33 22.10 20.95 13.03
C LEU B 33 22.79 22.24 12.61
N ARG B 34 23.41 22.25 11.42
CA ARG B 34 24.19 23.39 10.96
C ARG B 34 23.94 23.64 9.48
N LEU B 35 23.79 24.91 9.10
CA LEU B 35 23.63 25.27 7.70
C LEU B 35 24.98 25.26 6.99
N ILE B 36 25.05 24.52 5.88
CA ILE B 36 26.26 24.31 5.11
C ILE B 36 26.47 25.43 4.10
N SER B 37 25.53 25.61 3.18
CA SER B 37 25.63 26.67 2.19
C SER B 37 24.29 26.87 1.51
N LYS B 38 24.23 27.94 0.72
CA LYS B 38 23.04 28.27 -0.04
C LYS B 38 23.42 28.39 -1.51
N PHE B 39 22.43 28.17 -2.37
CA PHE B 39 22.63 28.29 -3.81
C PHE B 39 21.28 28.61 -4.46
N ASP B 40 21.33 29.24 -5.63
CA ASP B 40 20.09 29.50 -6.34
C ASP B 40 20.25 29.43 -7.86
N THR B 41 21.24 28.70 -8.37
CA THR B 41 21.41 28.42 -9.78
C THR B 41 21.72 26.94 -9.96
N VAL B 42 21.54 26.47 -11.20
CA VAL B 42 21.93 25.10 -11.53
C VAL B 42 23.43 24.90 -11.30
N GLU B 43 24.25 25.82 -11.81
CA GLU B 43 25.71 25.64 -11.72
C GLU B 43 26.18 25.61 -10.27
N ASP B 44 25.60 26.46 -9.42
CA ASP B 44 26.03 26.44 -8.02
C ASP B 44 25.56 25.18 -7.30
N PHE B 45 24.43 24.59 -7.73
CA PHE B 45 24.01 23.32 -7.14
C PHE B 45 25.03 22.22 -7.42
N TRP B 46 25.44 22.07 -8.67
CA TRP B 46 26.37 20.99 -9.02
C TRP B 46 27.76 21.23 -8.45
N ALA B 47 28.18 22.49 -8.31
CA ALA B 47 29.45 22.76 -7.65
C ALA B 47 29.42 22.28 -6.20
N LEU B 48 28.31 22.50 -5.51
CA LEU B 48 28.17 22.03 -4.14
C LEU B 48 28.03 20.50 -4.08
N TYR B 49 27.21 19.92 -4.95
CA TYR B 49 27.03 18.48 -4.94
C TYR B 49 28.34 17.74 -5.19
N ASN B 50 29.13 18.20 -6.17
CA ASN B 50 30.41 17.57 -6.46
C ASN B 50 31.45 17.82 -5.39
N HIS B 51 31.16 18.70 -4.43
CA HIS B 51 32.07 19.09 -3.37
C HIS B 51 31.91 18.24 -2.11
N ILE B 52 30.74 17.63 -1.91
CA ILE B 52 30.39 17.04 -0.64
C ILE B 52 30.33 15.52 -0.77
N GLN B 53 30.42 14.87 0.39
CA GLN B 53 30.33 13.41 0.47
C GLN B 53 29.02 12.94 -0.11
N LEU B 54 29.05 11.78 -0.77
CA LEU B 54 27.80 11.08 -1.05
C LEU B 54 27.24 10.56 0.26
N SER B 55 25.91 10.46 0.32
CA SER B 55 25.24 10.08 1.57
C SER B 55 25.70 8.70 2.03
N SER B 56 25.99 7.80 1.09
CA SER B 56 26.44 6.46 1.46
C SER B 56 27.82 6.47 2.12
N ASN B 57 28.55 7.58 2.08
CA ASN B 57 29.87 7.64 2.69
C ASN B 57 29.87 8.44 3.99
N LEU B 58 28.71 8.75 4.54
CA LEU B 58 28.61 9.44 5.83
C LEU B 58 28.59 8.43 6.97
N MET B 59 29.15 8.86 8.12
CA MET B 59 29.09 8.05 9.32
C MET B 59 27.64 7.88 9.77
N PRO B 60 27.31 6.74 10.36
CA PRO B 60 25.97 6.55 10.94
C PRO B 60 25.64 7.68 11.91
N GLY B 61 24.39 8.14 11.89
CA GLY B 61 23.98 9.26 12.71
C GLY B 61 24.07 10.62 12.05
N CYS B 62 24.33 10.69 10.75
CA CYS B 62 24.42 11.94 10.03
C CYS B 62 23.23 12.13 9.11
N ASP B 63 22.89 13.41 8.85
CA ASP B 63 21.79 13.77 7.97
C ASP B 63 22.26 14.86 7.03
N TYR B 64 21.80 14.81 5.79
CA TYR B 64 21.72 15.98 4.91
C TYR B 64 20.27 16.44 4.86
N SER B 65 20.07 17.75 4.81
CA SER B 65 18.75 18.29 4.54
C SER B 65 18.89 19.41 3.52
N LEU B 66 18.08 19.37 2.46
CA LEU B 66 17.96 20.49 1.52
C LEU B 66 16.58 21.11 1.62
N PHE B 67 16.52 22.38 2.03
CA PHE B 67 15.24 23.07 2.23
C PHE B 67 15.22 24.44 1.55
N LYS B 68 14.03 24.90 1.21
CA LYS B 68 13.91 26.22 0.62
C LYS B 68 14.41 27.26 1.61
N ASP B 69 15.11 28.26 1.08
CA ASP B 69 15.63 29.35 1.88
C ASP B 69 14.55 29.94 2.78
N GLY B 70 14.89 30.07 4.07
CA GLY B 70 13.97 30.58 5.05
C GLY B 70 13.17 29.53 5.77
N ILE B 71 13.31 28.25 5.40
CA ILE B 71 12.64 27.15 6.09
C ILE B 71 13.73 26.26 6.70
N GLU B 72 13.76 26.18 8.06
CA GLU B 72 14.69 25.32 8.76
C GLU B 72 14.18 23.88 8.75
N PRO B 73 15.18 22.78 8.71
CA PRO B 73 14.76 21.37 8.55
C PRO B 73 14.29 20.72 9.85
N MET B 74 13.29 21.34 10.51
CA MET B 74 12.80 20.86 11.80
C MET B 74 11.29 21.03 11.87
N TRP B 75 10.65 20.18 12.70
CA TRP B 75 9.19 20.21 12.84
C TRP B 75 8.64 21.56 13.28
N GLU B 76 9.38 22.28 14.12
CA GLU B 76 8.84 23.47 14.75
C GLU B 76 8.78 24.67 13.80
N ASP B 77 9.36 24.59 12.61
CA ASP B 77 9.29 25.72 11.70
C ASP B 77 7.84 25.95 11.29
N GLU B 78 7.49 27.23 11.12
CA GLU B 78 6.11 27.59 10.83
C GLU B 78 5.57 26.84 9.61
N LYS B 79 6.41 26.60 8.61
CA LYS B 79 5.93 25.94 7.39
C LYS B 79 6.02 24.41 7.45
N ASN B 80 6.55 23.83 8.54
CA ASN B 80 6.58 22.39 8.73
C ASN B 80 5.66 21.86 9.82
N LYS B 81 5.22 22.71 10.76
CA LYS B 81 4.47 22.23 11.92
C LYS B 81 3.18 21.53 11.48
N ARG B 82 2.47 22.08 10.51
CA ARG B 82 1.19 21.52 10.09
C ARG B 82 1.33 20.50 8.97
N GLY B 83 2.55 20.18 8.56
CA GLY B 83 2.82 19.32 7.42
C GLY B 83 3.23 17.91 7.79
N GLY B 84 3.88 17.24 6.84
CA GLY B 84 4.30 15.87 7.00
C GLY B 84 5.36 15.49 5.98
N ARG B 85 5.56 14.18 5.80
CA ARG B 85 6.64 13.70 4.95
C ARG B 85 6.26 12.44 4.18
N TRP B 86 6.71 12.36 2.93
CA TRP B 86 6.70 11.13 2.14
C TRP B 86 7.96 10.35 2.43
N LEU B 87 7.81 9.16 3.01
CA LEU B 87 8.95 8.43 3.58
C LEU B 87 9.39 7.29 2.68
N ILE B 88 10.69 7.25 2.39
CA ILE B 88 11.36 6.13 1.73
C ILE B 88 12.26 5.47 2.76
N THR B 89 12.05 4.18 3.00
CA THR B 89 12.83 3.41 3.97
C THR B 89 13.80 2.49 3.22
N LEU B 90 15.05 2.45 3.66
CA LEU B 90 16.05 1.63 2.98
C LEU B 90 16.74 0.71 3.97
N ASN B 91 16.76 -0.60 3.66
CA ASN B 91 17.54 -1.55 4.45
C ASN B 91 19.02 -1.45 4.06
N LYS B 92 19.88 -2.22 4.75
CA LYS B 92 21.31 -2.09 4.53
C LYS B 92 21.69 -2.45 3.10
N GLN B 93 20.97 -3.41 2.50
CA GLN B 93 21.21 -3.77 1.12
C GLN B 93 20.82 -2.64 0.17
N GLN B 94 19.84 -1.82 0.55
CA GLN B 94 19.42 -0.69 -0.27
C GLN B 94 20.32 0.53 -0.15
N ARG B 95 21.02 0.69 0.97
CA ARG B 95 22.06 1.71 1.05
C ARG B 95 23.05 1.58 -0.11
N ARG B 96 23.45 0.35 -0.41
CA ARG B 96 24.42 0.11 -1.48
C ARG B 96 23.86 0.46 -2.84
N SER B 97 22.66 -0.03 -3.15
CA SER B 97 22.17 0.02 -4.53
C SER B 97 21.40 1.30 -4.86
N ASP B 98 20.71 1.89 -3.89
CA ASP B 98 19.72 2.91 -4.20
C ASP B 98 19.87 4.22 -3.45
N LEU B 99 20.60 4.27 -2.34
CA LEU B 99 20.57 5.45 -1.48
C LEU B 99 21.08 6.69 -2.22
N ASP B 100 22.26 6.60 -2.81
CA ASP B 100 22.83 7.78 -3.47
C ASP B 100 22.01 8.16 -4.68
N ARG B 101 21.50 7.16 -5.42
CA ARG B 101 20.71 7.46 -6.60
C ARG B 101 19.34 8.00 -6.21
N PHE B 102 18.73 7.46 -5.14
CA PHE B 102 17.45 8.01 -4.70
C PHE B 102 17.61 9.43 -4.17
N TRP B 103 18.71 9.70 -3.47
CA TRP B 103 18.89 11.03 -2.90
C TRP B 103 19.12 12.08 -3.98
N LEU B 104 19.91 11.75 -5.00
CA LEU B 104 20.13 12.70 -6.09
C LEU B 104 18.83 13.00 -6.82
N GLU B 105 18.03 11.96 -7.10
CA GLU B 105 16.72 12.16 -7.74
C GLU B 105 15.81 13.02 -6.87
N THR B 106 15.85 12.80 -5.57
CA THR B 106 15.07 13.61 -4.64
C THR B 106 15.46 15.08 -4.75
N LEU B 107 16.78 15.36 -4.77
CA LEU B 107 17.27 16.73 -4.90
C LEU B 107 16.79 17.37 -6.20
N LEU B 108 16.84 16.60 -7.31
CA LEU B 108 16.42 17.11 -8.61
C LEU B 108 14.92 17.36 -8.67
N CYS B 109 14.14 16.46 -8.04
CA CYS B 109 12.70 16.70 -7.93
C CYS B 109 12.41 18.03 -7.24
N LEU B 110 13.18 18.37 -6.20
CA LEU B 110 12.97 19.64 -5.50
C LEU B 110 13.39 20.83 -6.36
N ILE B 111 14.67 20.91 -6.73
CA ILE B 111 15.16 22.13 -7.37
C ILE B 111 14.62 22.26 -8.79
N GLY B 112 14.24 21.14 -9.41
CA GLY B 112 13.58 21.15 -10.70
C GLY B 112 12.10 21.35 -10.64
N GLU B 113 11.53 21.49 -9.43
CA GLU B 113 10.11 21.76 -9.23
C GLU B 113 9.22 20.77 -10.01
N SER B 114 9.47 19.48 -9.80
CA SER B 114 8.86 18.44 -10.62
C SER B 114 7.44 18.07 -10.21
N PHE B 115 6.85 18.74 -9.23
CA PHE B 115 5.50 18.38 -8.81
C PHE B 115 4.46 19.38 -9.32
N ASP B 116 4.75 20.07 -10.42
CA ASP B 116 3.79 20.93 -11.13
C ASP B 116 3.31 22.00 -10.16
N ASP B 117 2.01 22.27 -10.07
CA ASP B 117 1.50 23.33 -9.22
C ASP B 117 1.73 23.03 -7.74
N TYR B 118 1.95 21.77 -7.39
CA TYR B 118 2.10 21.38 -6.01
C TYR B 118 3.54 21.43 -5.55
N SER B 119 4.46 21.92 -6.39
CA SER B 119 5.83 22.15 -5.93
C SER B 119 5.89 23.23 -4.86
N ASP B 120 4.94 24.19 -4.86
CA ASP B 120 4.91 25.19 -3.80
C ASP B 120 4.62 24.61 -2.43
N ASP B 121 4.03 23.41 -2.37
CA ASP B 121 3.77 22.75 -1.10
C ASP B 121 5.00 22.03 -0.57
N VAL B 122 6.04 21.86 -1.37
CA VAL B 122 7.25 21.18 -0.91
C VAL B 122 8.06 22.15 -0.05
N CYS B 123 8.52 21.66 1.10
CA CYS B 123 9.45 22.40 1.94
C CYS B 123 10.90 21.97 1.72
N GLY B 124 11.15 20.67 1.61
CA GLY B 124 12.51 20.19 1.46
C GLY B 124 12.55 18.69 1.57
N ALA B 125 13.78 18.17 1.73
CA ALA B 125 14.00 16.74 1.85
C ALA B 125 15.12 16.44 2.83
N VAL B 126 15.06 15.24 3.42
CA VAL B 126 16.01 14.79 4.43
C VAL B 126 16.47 13.39 4.06
N VAL B 127 17.79 13.17 4.14
CA VAL B 127 18.34 11.82 4.11
C VAL B 127 18.97 11.55 5.47
N ASN B 128 18.52 10.49 6.12
CA ASN B 128 19.03 10.04 7.41
C ASN B 128 19.88 8.80 7.17
N VAL B 129 21.14 8.85 7.58
CA VAL B 129 22.03 7.70 7.50
C VAL B 129 22.17 7.12 8.90
N ARG B 130 21.80 5.84 9.06
CA ARG B 130 21.96 5.14 10.33
C ARG B 130 22.45 3.72 10.07
N ALA B 131 23.01 3.12 11.12
CA ALA B 131 23.60 1.79 10.97
C ALA B 131 22.56 0.71 10.72
N LYS B 132 21.34 0.91 11.21
CA LYS B 132 20.28 -0.08 11.01
C LYS B 132 19.61 0.05 9.65
N GLY B 133 19.50 1.26 9.12
CA GLY B 133 18.78 1.47 7.87
C GLY B 133 18.50 2.94 7.62
N ASP B 134 18.70 3.36 6.39
CA ASP B 134 18.60 4.76 6.03
C ASP B 134 17.15 5.13 5.70
N LYS B 135 16.93 6.44 5.58
CA LYS B 135 15.62 7.02 5.26
C LYS B 135 15.84 8.23 4.37
N ILE B 136 14.98 8.35 3.36
CA ILE B 136 14.87 9.52 2.51
C ILE B 136 13.42 9.95 2.56
N ALA B 137 13.19 11.27 2.64
CA ALA B 137 11.84 11.78 2.76
C ALA B 137 11.73 13.14 2.08
N ILE B 138 10.56 13.42 1.52
CA ILE B 138 10.20 14.76 1.05
C ILE B 138 9.17 15.35 2.01
N TRP B 139 9.44 16.56 2.49
CA TRP B 139 8.58 17.24 3.45
C TRP B 139 7.68 18.25 2.74
N THR B 140 6.39 18.21 3.07
CA THR B 140 5.39 19.15 2.57
C THR B 140 4.82 19.97 3.74
N THR B 141 4.18 21.09 3.41
CA THR B 141 3.83 22.07 4.43
C THR B 141 2.45 21.90 5.05
N GLU B 142 1.56 21.07 4.48
CA GLU B 142 0.23 20.92 5.07
C GLU B 142 -0.27 19.51 4.82
N CYS B 143 -0.27 18.69 5.88
CA CYS B 143 -0.69 17.28 5.77
C CYS B 143 -2.16 17.12 5.41
N GLU B 144 -2.99 18.15 5.61
CA GLU B 144 -4.41 18.07 5.28
C GLU B 144 -4.72 18.42 3.82
N ASN B 145 -3.74 18.89 3.05
CA ASN B 145 -3.92 19.16 1.62
C ASN B 145 -3.90 17.83 0.87
N ARG B 146 -5.06 17.16 0.84
CA ARG B 146 -5.13 15.82 0.30
C ARG B 146 -4.66 15.76 -1.15
N ASP B 147 -5.05 16.74 -1.97
CA ASP B 147 -4.70 16.68 -3.38
C ASP B 147 -3.23 16.98 -3.62
N ALA B 148 -2.65 17.89 -2.83
CA ALA B 148 -1.24 18.22 -3.00
C ALA B 148 -0.34 17.06 -2.58
N VAL B 149 -0.65 16.47 -1.41
CA VAL B 149 0.18 15.40 -0.88
C VAL B 149 0.17 14.19 -1.82
N THR B 150 -1.04 13.74 -2.20
CA THR B 150 -1.15 12.53 -3.01
CA THR B 150 -1.13 12.53 -3.00
C THR B 150 -0.48 12.72 -4.37
N HIS B 151 -0.58 13.93 -4.94
CA HIS B 151 0.06 14.15 -6.24
C HIS B 151 1.58 14.11 -6.12
N ILE B 152 2.13 14.71 -5.07
CA ILE B 152 3.57 14.62 -4.84
C ILE B 152 3.98 13.17 -4.63
N GLY B 153 3.17 12.42 -3.89
CA GLY B 153 3.54 11.04 -3.59
C GLY B 153 3.53 10.16 -4.82
N ARG B 154 2.55 10.37 -5.71
CA ARG B 154 2.49 9.53 -6.90
C ARG B 154 3.63 9.88 -7.85
N VAL B 155 3.93 11.17 -8.03
CA VAL B 155 5.03 11.58 -8.89
C VAL B 155 6.37 11.09 -8.33
N TYR B 156 6.61 11.36 -7.05
CA TYR B 156 7.85 10.96 -6.38
C TYR B 156 8.13 9.47 -6.54
N LYS B 157 7.12 8.64 -6.27
CA LYS B 157 7.35 7.20 -6.31
C LYS B 157 7.74 6.75 -7.71
N GLU B 158 7.08 7.29 -8.73
CA GLU B 158 7.45 6.94 -10.09
C GLU B 158 8.77 7.57 -10.50
N ARG B 159 9.13 8.74 -9.95
CA ARG B 159 10.42 9.32 -10.31
C ARG B 159 11.56 8.51 -9.72
N LEU B 160 11.30 7.80 -8.63
CA LEU B 160 12.30 6.95 -8.01
C LEU B 160 12.35 5.57 -8.63
N GLY B 161 11.38 5.20 -9.47
CA GLY B 161 11.35 3.88 -10.07
C GLY B 161 10.87 2.77 -9.16
N LEU B 162 10.18 3.11 -8.07
CA LEU B 162 9.69 2.10 -7.15
C LEU B 162 8.60 1.27 -7.82
N PRO B 163 8.63 -0.05 -7.67
CA PRO B 163 7.68 -0.90 -8.39
C PRO B 163 6.28 -0.79 -7.81
N PRO B 164 5.26 -1.06 -8.63
CA PRO B 164 3.86 -1.03 -8.13
C PRO B 164 3.55 -2.02 -7.02
N LYS B 165 4.34 -3.08 -6.84
CA LYS B 165 4.04 -4.05 -5.79
C LYS B 165 4.23 -3.47 -4.38
N ILE B 166 4.97 -2.38 -4.23
CA ILE B 166 5.25 -1.79 -2.93
C ILE B 166 4.50 -0.47 -2.79
N VAL B 167 4.33 -0.06 -1.53
CA VAL B 167 3.64 1.18 -1.18
C VAL B 167 4.56 2.01 -0.30
N ILE B 168 4.49 3.32 -0.44
CA ILE B 168 5.19 4.24 0.45
C ILE B 168 4.13 5.00 1.23
N GLY B 169 4.52 5.50 2.40
CA GLY B 169 3.59 6.13 3.33
C GLY B 169 3.93 7.58 3.61
N TYR B 170 2.89 8.35 3.95
CA TYR B 170 3.01 9.75 4.30
C TYR B 170 2.60 9.92 5.77
N GLN B 171 3.49 10.51 6.57
CA GLN B 171 3.26 10.69 8.00
C GLN B 171 3.31 12.18 8.32
N SER B 172 2.36 12.62 9.15
CA SER B 172 2.36 13.99 9.64
C SER B 172 3.44 14.17 10.70
N HIS B 173 4.07 15.35 10.71
CA HIS B 173 5.07 15.64 11.73
C HIS B 173 4.47 15.68 13.13
N ALA B 174 3.22 16.10 13.24
CA ALA B 174 2.59 16.13 14.57
C ALA B 174 2.55 14.73 15.16
N ASP B 175 2.26 13.73 14.33
CA ASP B 175 2.27 12.35 14.79
C ASP B 175 3.68 11.87 15.10
N THR B 176 4.66 12.26 14.26
CA THR B 176 6.02 11.78 14.44
C THR B 176 6.64 12.32 15.73
N ALA B 177 6.39 13.58 16.05
CA ALA B 177 6.97 14.23 17.24
C ALA B 177 6.44 13.67 18.56
N THR B 178 5.56 12.67 18.54
CA THR B 178 4.97 12.16 19.77
C THR B 178 4.97 10.64 19.83
N LYS B 185 1.93 5.58 12.10
CA LYS B 185 0.67 5.58 11.36
C LYS B 185 0.79 6.40 10.08
N ASN B 186 0.09 5.98 9.03
CA ASN B 186 0.12 6.65 7.74
C ASN B 186 -1.17 7.42 7.51
N ARG B 187 -1.02 8.66 7.02
CA ARG B 187 -2.17 9.45 6.58
C ARG B 187 -2.54 9.15 5.14
N PHE B 188 -1.54 8.95 4.29
CA PHE B 188 -1.73 8.56 2.90
C PHE B 188 -0.74 7.45 2.59
N VAL B 189 -1.06 6.67 1.56
CA VAL B 189 -0.14 5.67 1.01
C VAL B 189 -0.31 5.64 -0.50
N VAL B 190 0.80 5.53 -1.22
CA VAL B 190 0.77 5.35 -2.68
C VAL B 190 1.76 4.26 -3.10
N PRO C 4 34.22 18.87 11.61
CA PRO C 4 33.37 19.80 10.87
C PRO C 4 33.59 19.70 9.36
N GLU C 5 34.63 18.96 8.97
CA GLU C 5 34.87 18.63 7.57
C GLU C 5 34.45 17.21 7.24
N HIS C 6 33.45 16.69 7.96
CA HIS C 6 33.02 15.31 7.77
C HIS C 6 32.24 15.13 6.48
N TYR C 7 31.69 16.21 5.93
CA TYR C 7 30.83 16.10 4.77
C TYR C 7 31.51 16.57 3.49
N ILE C 8 32.72 17.13 3.57
CA ILE C 8 33.44 17.58 2.40
C ILE C 8 34.41 16.49 1.98
N LYS C 9 34.52 16.26 0.66
CA LYS C 9 35.51 15.31 0.19
C LYS C 9 36.91 15.92 0.19
N HIS C 10 37.92 15.04 0.15
CA HIS C 10 39.31 15.46 0.30
C HIS C 10 39.92 15.70 -1.08
N PRO C 11 40.24 16.95 -1.43
CA PRO C 11 40.74 17.22 -2.79
C PRO C 11 42.17 16.75 -2.98
N LEU C 12 42.45 16.23 -4.17
CA LEU C 12 43.80 15.93 -4.59
C LEU C 12 44.43 17.17 -5.20
N GLN C 13 45.77 17.19 -5.27
CA GLN C 13 46.46 18.34 -5.83
C GLN C 13 46.19 18.49 -7.31
N ASN C 14 45.87 17.39 -8.01
CA ASN C 14 45.52 17.44 -9.41
C ASN C 14 44.29 16.60 -9.69
N ARG C 15 43.64 16.89 -10.82
CA ARG C 15 42.64 16.02 -11.42
C ARG C 15 43.30 15.01 -12.35
N TRP C 16 42.87 13.76 -12.23
CA TRP C 16 43.47 12.65 -12.98
C TRP C 16 42.44 12.05 -13.93
N ALA C 17 42.95 11.45 -14.99
CA ALA C 17 42.11 10.76 -15.97
C ALA C 17 42.63 9.34 -16.08
N LEU C 18 41.72 8.37 -15.97
CA LEU C 18 42.06 6.97 -16.16
C LEU C 18 41.61 6.54 -17.54
N TRP C 19 42.49 5.86 -18.27
CA TRP C 19 42.20 5.42 -19.62
C TRP C 19 42.23 3.90 -19.69
N PHE C 20 41.52 3.35 -20.67
CA PHE C 20 41.54 1.92 -20.92
C PHE C 20 41.86 1.67 -22.40
N PHE C 21 42.70 0.67 -22.65
CA PHE C 21 43.02 0.23 -24.00
C PHE C 21 42.73 -1.26 -24.11
N LYS C 22 42.09 -1.64 -25.22
CA LYS C 22 41.81 -3.05 -25.51
C LYS C 22 42.37 -3.34 -26.90
N ASN C 23 43.28 -4.30 -26.99
CA ASN C 23 43.97 -4.56 -28.24
C ASN C 23 43.00 -5.19 -29.25
N ASP C 24 42.85 -4.53 -30.40
CA ASP C 24 42.02 -5.03 -31.50
C ASP C 24 42.72 -4.65 -32.79
N LYS C 25 43.19 -5.65 -33.54
CA LYS C 25 43.93 -5.40 -34.76
C LYS C 25 43.06 -4.93 -35.92
N SER C 26 41.73 -4.93 -35.76
CA SER C 26 40.88 -4.41 -36.82
C SER C 26 40.91 -2.88 -36.90
N LYS C 27 41.36 -2.22 -35.83
CA LYS C 27 41.36 -0.78 -35.73
C LYS C 27 42.78 -0.29 -35.49
N THR C 28 43.03 0.98 -35.79
CA THR C 28 44.30 1.59 -35.45
C THR C 28 44.48 1.65 -33.94
N TRP C 29 45.73 1.89 -33.52
CA TRP C 29 46.04 1.91 -32.09
C TRP C 29 45.31 3.03 -31.36
N GLN C 30 45.27 4.23 -31.94
CA GLN C 30 44.64 5.36 -31.23
C GLN C 30 43.14 5.15 -31.05
N ALA C 31 42.47 4.52 -32.01
CA ALA C 31 41.03 4.30 -31.88
C ALA C 31 40.68 3.30 -30.80
N ASN C 32 41.64 2.48 -30.37
CA ASN C 32 41.41 1.51 -29.30
C ASN C 32 41.63 2.10 -27.92
N LEU C 33 42.09 3.35 -27.85
CA LEU C 33 42.31 4.04 -26.59
C LEU C 33 41.08 4.85 -26.23
N ARG C 34 40.55 4.64 -25.03
CA ARG C 34 39.31 5.27 -24.60
C ARG C 34 39.40 5.74 -23.16
N LEU C 35 38.84 6.92 -22.91
CA LEU C 35 38.81 7.51 -21.57
C LEU C 35 37.73 6.84 -20.73
N ILE C 36 38.11 6.40 -19.52
CA ILE C 36 37.15 5.75 -18.63
C ILE C 36 36.41 6.81 -17.83
N SER C 37 37.11 7.54 -16.96
CA SER C 37 36.52 8.63 -16.19
C SER C 37 37.64 9.43 -15.55
N LYS C 38 37.26 10.56 -14.94
CA LYS C 38 38.18 11.48 -14.29
C LYS C 38 37.76 11.66 -12.84
N PHE C 39 38.73 12.02 -11.99
CA PHE C 39 38.46 12.26 -10.57
C PHE C 39 39.46 13.28 -10.04
N ASP C 40 39.06 13.96 -8.96
CA ASP C 40 39.98 14.90 -8.33
C ASP C 40 39.81 14.92 -6.81
N THR C 41 39.27 13.86 -6.22
CA THR C 41 39.22 13.70 -4.78
C THR C 41 39.67 12.28 -4.42
N VAL C 42 40.07 12.10 -3.16
CA VAL C 42 40.40 10.77 -2.66
C VAL C 42 39.19 9.84 -2.77
N GLU C 43 38.01 10.30 -2.32
CA GLU C 43 36.85 9.41 -2.28
C GLU C 43 36.47 8.94 -3.68
N ASP C 44 36.52 9.84 -4.66
CA ASP C 44 36.19 9.44 -6.04
C ASP C 44 37.28 8.57 -6.65
N PHE C 45 38.53 8.71 -6.18
CA PHE C 45 39.56 7.77 -6.62
C PHE C 45 39.21 6.35 -6.21
N TRP C 46 38.85 6.16 -4.94
CA TRP C 46 38.52 4.83 -4.44
C TRP C 46 37.21 4.30 -5.00
N ALA C 47 36.25 5.19 -5.27
CA ALA C 47 35.02 4.75 -5.90
C ALA C 47 35.31 4.17 -7.28
N LEU C 48 36.24 4.79 -8.00
CA LEU C 48 36.64 4.25 -9.30
C LEU C 48 37.45 2.97 -9.15
N TYR C 49 38.43 2.98 -8.24
CA TYR C 49 39.31 1.82 -8.10
C TYR C 49 38.53 0.58 -7.69
N ASN C 50 37.63 0.71 -6.70
CA ASN C 50 36.88 -0.46 -6.24
C ASN C 50 35.86 -0.94 -7.26
N HIS C 51 35.64 -0.17 -8.31
CA HIS C 51 34.64 -0.47 -9.32
C HIS C 51 35.20 -1.29 -10.48
N ILE C 52 36.51 -1.24 -10.72
CA ILE C 52 37.11 -1.76 -11.94
C ILE C 52 37.93 -3.02 -11.64
N GLN C 53 38.16 -3.82 -12.69
CA GLN C 53 38.97 -5.03 -12.60
C GLN C 53 40.38 -4.70 -12.11
N LEU C 54 40.96 -5.59 -11.31
CA LEU C 54 42.39 -5.49 -11.06
C LEU C 54 43.16 -5.80 -12.33
N SER C 55 44.33 -5.18 -12.47
CA SER C 55 45.11 -5.34 -13.71
C SER C 55 45.46 -6.80 -13.95
N SER C 56 45.59 -7.60 -12.89
CA SER C 56 45.88 -9.02 -13.03
C SER C 56 44.71 -9.81 -13.62
N ASN C 57 43.51 -9.23 -13.72
CA ASN C 57 42.35 -9.91 -14.28
C ASN C 57 41.99 -9.42 -15.68
N LEU C 58 42.78 -8.54 -16.27
CA LEU C 58 42.52 -8.07 -17.62
C LEU C 58 43.07 -9.05 -18.63
N MET C 59 42.43 -9.13 -19.79
CA MET C 59 42.96 -9.98 -20.85
C MET C 59 44.30 -9.42 -21.31
N PRO C 60 45.23 -10.30 -21.68
CA PRO C 60 46.52 -9.84 -22.23
C PRO C 60 46.33 -8.90 -23.41
N GLY C 61 47.17 -7.87 -23.47
CA GLY C 61 47.07 -6.85 -24.49
C GLY C 61 46.27 -5.62 -24.09
N CYS C 62 45.87 -5.50 -22.83
CA CYS C 62 45.12 -4.36 -22.33
C CYS C 62 46.00 -3.49 -21.45
N ASP C 63 45.62 -2.22 -21.34
CA ASP C 63 46.35 -1.24 -20.54
C ASP C 63 45.38 -0.41 -19.71
N TYR C 64 45.81 -0.07 -18.49
CA TYR C 64 45.29 1.07 -17.75
C TYR C 64 46.31 2.20 -17.85
N SER C 65 45.82 3.42 -17.99
CA SER C 65 46.66 4.60 -17.94
C SER C 65 46.01 5.63 -17.03
N LEU C 66 46.76 6.12 -16.05
CA LEU C 66 46.31 7.23 -15.22
C LEU C 66 47.21 8.42 -15.49
N PHE C 67 46.65 9.49 -16.05
CA PHE C 67 47.43 10.66 -16.42
C PHE C 67 46.74 11.93 -15.93
N LYS C 68 47.56 12.96 -15.71
CA LYS C 68 47.02 14.26 -15.32
C LYS C 68 46.10 14.77 -16.41
N ASP C 69 44.99 15.38 -15.98
CA ASP C 69 44.04 15.97 -16.92
C ASP C 69 44.75 16.85 -17.92
N GLY C 70 44.44 16.64 -19.20
CA GLY C 70 45.06 17.39 -20.27
C GLY C 70 46.29 16.73 -20.88
N ILE C 71 46.76 15.62 -20.32
CA ILE C 71 47.87 14.86 -20.89
C ILE C 71 47.31 13.51 -21.29
N GLU C 72 47.27 13.25 -22.58
CA GLU C 72 46.80 11.95 -23.05
C GLU C 72 47.93 10.93 -23.04
N PRO C 73 47.60 9.59 -22.83
CA PRO C 73 48.62 8.54 -22.66
C PRO C 73 49.28 8.10 -23.96
N MET C 74 49.86 9.04 -24.70
CA MET C 74 50.50 8.72 -25.96
C MET C 74 51.76 9.57 -26.13
N TRP C 75 52.75 9.00 -26.83
CA TRP C 75 54.02 9.69 -27.04
C TRP C 75 53.82 11.05 -27.70
N GLU C 76 52.76 11.19 -28.50
CA GLU C 76 52.57 12.39 -29.30
C GLU C 76 52.04 13.58 -28.50
N ASP C 77 51.65 13.40 -27.24
CA ASP C 77 51.16 14.52 -26.45
C ASP C 77 52.28 15.53 -26.20
N GLU C 78 51.91 16.82 -26.13
CA GLU C 78 52.89 17.89 -26.00
C GLU C 78 53.80 17.68 -24.81
N LYS C 79 53.26 17.16 -23.71
CA LYS C 79 54.05 16.92 -22.51
C LYS C 79 54.65 15.52 -22.50
N ASN C 80 54.45 14.74 -23.56
CA ASN C 80 55.04 13.42 -23.71
C ASN C 80 56.19 13.38 -24.72
N LYS C 81 56.29 14.36 -25.62
CA LYS C 81 57.30 14.32 -26.68
C LYS C 81 58.71 14.30 -26.10
N ARG C 82 59.00 15.19 -25.15
CA ARG C 82 60.35 15.36 -24.64
C ARG C 82 60.64 14.51 -23.40
N GLY C 83 59.70 13.66 -22.99
CA GLY C 83 59.82 12.91 -21.77
C GLY C 83 60.20 11.45 -22.00
N GLY C 84 59.93 10.64 -20.99
CA GLY C 84 60.26 9.23 -21.04
C GLY C 84 59.47 8.47 -20.00
N ARG C 85 59.97 7.28 -19.67
CA ARG C 85 59.30 6.41 -18.72
C ARG C 85 60.32 5.64 -17.91
N TRP C 86 60.08 5.56 -16.60
CA TRP C 86 60.80 4.64 -15.72
C TRP C 86 60.00 3.33 -15.65
N LEU C 87 60.56 2.26 -16.20
CA LEU C 87 59.83 1.01 -16.44
C LEU C 87 60.23 -0.06 -15.45
N ILE C 88 59.24 -0.72 -14.86
CA ILE C 88 59.43 -1.91 -14.02
C ILE C 88 58.88 -3.10 -14.79
N THR C 89 59.71 -4.11 -14.99
CA THR C 89 59.34 -5.31 -15.72
C THR C 89 59.05 -6.45 -14.75
N LEU C 90 57.96 -7.17 -15.01
CA LEU C 90 57.50 -8.27 -14.16
C LEU C 90 57.34 -9.53 -15.00
N ASN C 91 57.89 -10.65 -14.53
CA ASN C 91 57.68 -11.94 -15.19
C ASN C 91 56.26 -12.46 -14.87
N LYS C 92 55.97 -13.69 -15.31
CA LYS C 92 54.63 -14.23 -15.13
C LYS C 92 54.35 -14.57 -13.67
N GLN C 93 55.37 -14.92 -12.90
CA GLN C 93 55.13 -15.19 -11.49
C GLN C 93 55.08 -13.92 -10.65
N GLN C 94 55.62 -12.81 -11.16
CA GLN C 94 55.37 -11.51 -10.55
C GLN C 94 54.00 -10.95 -10.89
N ARG C 95 53.39 -11.40 -12.00
CA ARG C 95 51.99 -11.09 -12.27
C ARG C 95 51.14 -11.44 -11.06
N ARG C 96 51.36 -12.64 -10.53
CA ARG C 96 50.66 -13.11 -9.34
C ARG C 96 51.11 -12.35 -8.10
N SER C 97 52.42 -12.23 -7.90
CA SER C 97 52.94 -11.81 -6.60
C SER C 97 52.85 -10.30 -6.40
N ASP C 98 53.24 -9.52 -7.40
CA ASP C 98 53.51 -8.10 -7.19
C ASP C 98 52.71 -7.14 -8.06
N LEU C 99 52.07 -7.61 -9.13
CA LEU C 99 51.51 -6.69 -10.12
C LEU C 99 50.46 -5.75 -9.53
N ASP C 100 49.43 -6.29 -8.87
CA ASP C 100 48.36 -5.42 -8.38
C ASP C 100 48.82 -4.51 -7.26
N ARG C 101 49.71 -5.00 -6.41
CA ARG C 101 50.18 -4.17 -5.31
C ARG C 101 51.09 -3.06 -5.80
N PHE C 102 51.95 -3.36 -6.80
CA PHE C 102 52.78 -2.30 -7.37
C PHE C 102 51.92 -1.26 -8.06
N TRP C 103 50.86 -1.69 -8.73
CA TRP C 103 50.03 -0.77 -9.47
C TRP C 103 49.28 0.18 -8.54
N LEU C 104 48.73 -0.34 -7.44
CA LEU C 104 48.02 0.52 -6.49
C LEU C 104 48.95 1.55 -5.85
N GLU C 105 50.14 1.12 -5.43
CA GLU C 105 51.11 2.04 -4.87
C GLU C 105 51.54 3.08 -5.91
N THR C 106 51.67 2.66 -7.16
CA THR C 106 51.96 3.61 -8.24
C THR C 106 50.86 4.66 -8.36
N LEU C 107 49.59 4.22 -8.35
CA LEU C 107 48.48 5.17 -8.40
C LEU C 107 48.54 6.14 -7.22
N LEU C 108 48.80 5.60 -6.03
CA LEU C 108 48.86 6.43 -4.83
C LEU C 108 50.05 7.38 -4.87
N CYS C 109 51.19 6.93 -5.39
CA CYS C 109 52.32 7.82 -5.57
C CYS C 109 51.98 8.99 -6.47
N LEU C 110 51.19 8.74 -7.53
CA LEU C 110 50.79 9.84 -8.42
C LEU C 110 49.85 10.80 -7.71
N ILE C 111 48.68 10.30 -7.29
CA ILE C 111 47.65 11.20 -6.79
C ILE C 111 48.04 11.80 -5.44
N GLY C 112 48.93 11.15 -4.71
CA GLY C 112 49.43 11.73 -3.49
C GLY C 112 50.59 12.69 -3.67
N GLU C 113 51.05 12.90 -4.91
CA GLU C 113 52.18 13.78 -5.21
C GLU C 113 53.37 13.45 -4.31
N SER C 114 53.75 12.17 -4.33
CA SER C 114 54.74 11.65 -3.40
C SER C 114 56.19 11.96 -3.79
N PHE C 115 56.41 12.69 -4.88
CA PHE C 115 57.76 12.97 -5.36
C PHE C 115 58.22 14.39 -5.03
N ASP C 116 57.61 15.02 -4.03
CA ASP C 116 58.06 16.31 -3.46
C ASP C 116 58.08 17.36 -4.56
N ASP C 117 59.15 18.16 -4.68
CA ASP C 117 59.18 19.27 -5.64
C ASP C 117 59.21 18.80 -7.09
N TYR C 118 59.58 17.55 -7.36
CA TYR C 118 59.65 17.06 -8.73
C TYR C 118 58.37 16.39 -9.17
N SER C 119 57.31 16.47 -8.38
CA SER C 119 56.02 15.90 -8.77
C SER C 119 55.46 16.58 -10.01
N ASP C 120 55.84 17.82 -10.28
CA ASP C 120 55.34 18.54 -11.43
C ASP C 120 55.79 17.96 -12.77
N ASP C 121 56.91 17.22 -12.78
CA ASP C 121 57.36 16.60 -14.03
C ASP C 121 56.67 15.27 -14.32
N VAL C 122 55.90 14.74 -13.37
CA VAL C 122 55.20 13.49 -13.61
C VAL C 122 54.01 13.76 -14.53
N CYS C 123 53.90 12.97 -15.59
CA CYS C 123 52.74 13.02 -16.47
C CYS C 123 51.71 11.98 -16.12
N GLY C 124 52.13 10.77 -15.80
CA GLY C 124 51.18 9.71 -15.49
C GLY C 124 51.89 8.38 -15.38
N ALA C 125 51.08 7.32 -15.37
CA ALA C 125 51.60 5.97 -15.25
C ALA C 125 50.75 5.03 -16.09
N VAL C 126 51.40 3.96 -16.57
CA VAL C 126 50.80 2.97 -17.46
C VAL C 126 51.09 1.57 -16.93
N VAL C 127 50.07 0.71 -16.91
CA VAL C 127 50.27 -0.71 -16.69
C VAL C 127 49.83 -1.46 -17.94
N ASN C 128 50.74 -2.23 -18.52
CA ASN C 128 50.46 -3.07 -19.68
C ASN C 128 50.44 -4.52 -19.24
N VAL C 129 49.32 -5.20 -19.47
CA VAL C 129 49.19 -6.63 -19.19
C VAL C 129 49.35 -7.38 -20.51
N ARG C 130 50.35 -8.25 -20.58
CA ARG C 130 50.59 -9.07 -21.76
C ARG C 130 50.97 -10.48 -21.34
N ALA C 131 50.75 -11.42 -22.25
CA ALA C 131 51.05 -12.83 -21.95
C ALA C 131 52.55 -13.07 -21.87
N LYS C 132 53.34 -12.26 -22.55
CA LYS C 132 54.79 -12.41 -22.49
C LYS C 132 55.37 -11.84 -21.19
N GLY C 133 54.79 -10.78 -20.67
CA GLY C 133 55.29 -10.15 -19.46
C GLY C 133 54.73 -8.76 -19.27
N ASP C 134 54.26 -8.44 -18.08
CA ASP C 134 53.64 -7.14 -17.86
C ASP C 134 54.68 -6.11 -17.47
N LYS C 135 54.28 -4.84 -17.56
CA LYS C 135 55.17 -3.72 -17.25
C LYS C 135 54.39 -2.62 -16.55
N ILE C 136 55.00 -2.00 -15.56
CA ILE C 136 54.48 -0.81 -14.90
C ILE C 136 55.51 0.29 -15.05
N ALA C 137 55.04 1.50 -15.37
CA ALA C 137 55.96 2.60 -15.62
C ALA C 137 55.33 3.92 -15.18
N ILE C 138 56.17 4.84 -14.73
CA ILE C 138 55.82 6.21 -14.48
C ILE C 138 56.43 7.07 -15.58
N TRP C 139 55.61 7.93 -16.18
CA TRP C 139 56.02 8.79 -17.29
C TRP C 139 56.37 10.18 -16.79
N THR C 140 57.49 10.73 -17.28
CA THR C 140 57.94 12.08 -16.98
C THR C 140 57.92 12.91 -18.26
N THR C 141 57.92 14.24 -18.10
CA THR C 141 57.71 15.14 -19.24
C THR C 141 59.02 15.59 -19.89
N GLU C 142 60.15 15.39 -19.25
CA GLU C 142 61.42 15.88 -19.80
C GLU C 142 62.52 14.90 -19.42
N CYS C 143 62.97 14.12 -20.39
CA CYS C 143 64.05 13.16 -20.17
C CYS C 143 65.37 13.84 -19.84
N GLU C 144 65.55 15.10 -20.25
CA GLU C 144 66.81 15.80 -20.00
C GLU C 144 66.86 16.48 -18.64
N ASN C 145 65.73 16.52 -17.90
CA ASN C 145 65.73 17.04 -16.54
C ASN C 145 66.29 15.95 -15.63
N ARG C 146 67.62 15.84 -15.64
CA ARG C 146 68.30 14.72 -14.99
C ARG C 146 68.00 14.65 -13.50
N ASP C 147 67.97 15.79 -12.81
CA ASP C 147 67.81 15.79 -11.37
C ASP C 147 66.39 15.38 -10.96
N ALA C 148 65.39 15.78 -11.75
CA ALA C 148 64.01 15.37 -11.46
C ALA C 148 63.81 13.88 -11.74
N VAL C 149 64.33 13.40 -12.86
CA VAL C 149 64.13 12.01 -13.25
C VAL C 149 64.76 11.06 -12.24
N THR C 150 65.89 11.45 -11.66
CA THR C 150 66.57 10.58 -10.69
C THR C 150 65.85 10.58 -9.35
N HIS C 151 65.41 11.74 -8.88
CA HIS C 151 64.75 11.80 -7.57
C HIS C 151 63.42 11.07 -7.60
N ILE C 152 62.68 11.18 -8.70
CA ILE C 152 61.46 10.39 -8.84
C ILE C 152 61.80 8.90 -8.85
N GLY C 153 62.93 8.55 -9.47
CA GLY C 153 63.29 7.14 -9.57
C GLY C 153 63.67 6.54 -8.23
N ARG C 154 64.41 7.29 -7.41
CA ARG C 154 64.81 6.77 -6.11
C ARG C 154 63.61 6.66 -5.17
N VAL C 155 62.73 7.66 -5.20
CA VAL C 155 61.53 7.64 -4.38
C VAL C 155 60.65 6.46 -4.76
N TYR C 156 60.40 6.29 -6.06
CA TYR C 156 59.55 5.20 -6.54
C TYR C 156 60.05 3.86 -6.03
N LYS C 157 61.35 3.63 -6.09
CA LYS C 157 61.90 2.35 -5.66
C LYS C 157 61.65 2.10 -4.19
N GLU C 158 61.81 3.14 -3.35
CA GLU C 158 61.62 2.96 -1.91
C GLU C 158 60.15 2.78 -1.55
N ARG C 159 59.24 3.36 -2.32
CA ARG C 159 57.82 3.20 -2.03
C ARG C 159 57.34 1.79 -2.38
N LEU C 160 58.00 1.11 -3.32
CA LEU C 160 57.64 -0.23 -3.72
C LEU C 160 58.27 -1.32 -2.85
N GLY C 161 59.23 -0.98 -2.00
CA GLY C 161 59.86 -2.00 -1.19
C GLY C 161 60.84 -2.87 -1.95
N LEU C 162 61.23 -2.46 -3.15
CA LEU C 162 62.17 -3.25 -3.93
C LEU C 162 63.53 -3.21 -3.26
N PRO C 163 64.21 -4.33 -3.11
CA PRO C 163 65.51 -4.34 -2.40
C PRO C 163 66.58 -3.69 -3.25
N PRO C 164 67.65 -3.17 -2.63
CA PRO C 164 68.77 -2.63 -3.42
C PRO C 164 69.35 -3.63 -4.40
N LYS C 165 69.11 -4.93 -4.19
CA LYS C 165 69.57 -5.94 -5.13
C LYS C 165 68.88 -5.84 -6.49
N ILE C 166 67.74 -5.13 -6.57
CA ILE C 166 66.99 -4.99 -7.81
C ILE C 166 67.21 -3.58 -8.35
N VAL C 167 67.15 -3.46 -9.68
CA VAL C 167 67.36 -2.19 -10.37
C VAL C 167 66.24 -1.94 -11.37
N ILE C 168 65.82 -0.68 -11.49
CA ILE C 168 64.86 -0.25 -12.49
C ILE C 168 65.55 0.75 -13.41
N GLY C 169 65.05 0.87 -14.64
CA GLY C 169 65.67 1.71 -15.66
C GLY C 169 64.73 2.79 -16.13
N TYR C 170 65.32 3.90 -16.59
CA TYR C 170 64.58 5.03 -17.14
C TYR C 170 64.91 5.19 -18.62
N GLN C 171 63.88 5.15 -19.45
CA GLN C 171 64.05 5.22 -20.90
C GLN C 171 63.32 6.43 -21.47
N SER C 172 63.96 7.11 -22.41
CA SER C 172 63.28 8.17 -23.13
C SER C 172 62.29 7.54 -24.11
N HIS C 173 61.14 8.20 -24.28
CA HIS C 173 60.14 7.70 -25.22
C HIS C 173 60.66 7.70 -26.64
N ALA C 174 61.56 8.63 -26.97
CA ALA C 174 62.14 8.66 -28.31
C ALA C 174 62.92 7.39 -28.62
N ASP C 175 63.63 6.86 -27.62
CA ASP C 175 64.41 5.63 -27.85
C ASP C 175 63.50 4.43 -28.09
N THR C 176 62.40 4.33 -27.33
CA THR C 176 61.50 3.19 -27.50
C THR C 176 60.78 3.26 -28.85
N ALA C 177 60.35 4.44 -29.25
CA ALA C 177 59.61 4.61 -30.50
C ALA C 177 60.53 4.39 -31.70
N LYS C 185 69.28 1.77 -24.70
CA LYS C 185 67.86 1.82 -24.41
C LYS C 185 67.57 2.35 -23.02
N ASN C 186 68.59 2.38 -22.16
CA ASN C 186 68.46 2.83 -20.79
C ASN C 186 69.38 4.02 -20.51
N ARG C 187 69.08 4.75 -19.43
CA ARG C 187 69.79 5.98 -19.12
C ARG C 187 70.12 6.09 -17.62
N PHE C 188 69.13 5.85 -16.78
CA PHE C 188 69.27 5.95 -15.34
C PHE C 188 69.07 4.56 -14.73
N VAL C 189 69.40 4.46 -13.45
CA VAL C 189 69.32 3.19 -12.73
C VAL C 189 69.20 3.50 -11.25
N VAL C 190 68.34 2.76 -10.57
CA VAL C 190 68.11 2.97 -9.14
C VAL C 190 68.09 1.64 -8.39
N GLU D 5 -31.54 -24.22 -3.08
CA GLU D 5 -31.95 -24.78 -1.80
C GLU D 5 -31.10 -24.27 -0.64
N HIS D 6 -29.77 -24.32 -0.80
CA HIS D 6 -28.86 -23.90 0.24
C HIS D 6 -28.75 -22.38 0.37
N TYR D 7 -29.08 -21.64 -0.68
CA TYR D 7 -28.85 -20.20 -0.75
C TYR D 7 -30.13 -19.38 -0.69
N ILE D 8 -31.29 -20.02 -0.66
CA ILE D 8 -32.57 -19.32 -0.60
C ILE D 8 -33.01 -19.26 0.85
N LYS D 9 -33.50 -18.10 1.29
CA LYS D 9 -34.07 -18.04 2.62
C LYS D 9 -35.47 -18.63 2.62
N HIS D 10 -35.92 -19.05 3.79
CA HIS D 10 -37.16 -19.81 3.89
C HIS D 10 -38.28 -18.84 4.14
N PRO D 11 -39.21 -18.65 3.18
CA PRO D 11 -40.24 -17.61 3.32
C PRO D 11 -41.30 -17.98 4.33
N LEU D 12 -41.79 -16.97 5.06
CA LEU D 12 -42.94 -17.18 5.92
C LEU D 12 -44.23 -17.01 5.12
N GLN D 13 -45.32 -17.56 5.66
CA GLN D 13 -46.61 -17.45 4.97
C GLN D 13 -47.11 -16.01 4.97
N ASN D 14 -46.67 -15.20 5.92
CA ASN D 14 -47.02 -13.78 5.94
C ASN D 14 -45.78 -12.92 6.17
N ARG D 15 -45.94 -11.66 5.81
CA ARG D 15 -45.03 -10.58 6.20
C ARG D 15 -45.49 -10.03 7.55
N TRP D 16 -44.56 -9.87 8.48
CA TRP D 16 -44.87 -9.43 9.84
C TRP D 16 -44.20 -8.11 10.14
N ALA D 17 -44.80 -7.36 11.06
CA ALA D 17 -44.27 -6.09 11.52
C ALA D 17 -44.16 -6.12 13.04
N LEU D 18 -43.00 -5.75 13.56
CA LEU D 18 -42.82 -5.64 15.00
C LEU D 18 -42.86 -4.17 15.38
N TRP D 19 -43.61 -3.85 16.44
CA TRP D 19 -43.77 -2.49 16.91
C TRP D 19 -43.23 -2.39 18.33
N PHE D 20 -42.83 -1.18 18.71
CA PHE D 20 -42.40 -0.88 20.06
C PHE D 20 -43.20 0.31 20.56
N PHE D 21 -43.56 0.27 21.84
CA PHE D 21 -44.23 1.37 22.51
C PHE D 21 -43.37 1.73 23.71
N LYS D 22 -43.16 3.03 23.92
CA LYS D 22 -42.38 3.53 25.04
C LYS D 22 -43.24 4.54 25.77
N ASN D 23 -43.50 4.25 27.05
CA ASN D 23 -44.43 5.08 27.81
C ASN D 23 -43.81 6.45 28.08
N ASP D 24 -44.49 7.49 27.61
CA ASP D 24 -44.11 8.87 27.91
C ASP D 24 -45.38 9.68 27.93
N LYS D 25 -45.73 10.22 29.10
CA LYS D 25 -47.00 10.94 29.23
C LYS D 25 -46.99 12.28 28.52
N SER D 26 -45.84 12.71 27.98
CA SER D 26 -45.78 13.95 27.23
C SER D 26 -46.43 13.83 25.85
N LYS D 27 -46.65 12.62 25.36
CA LYS D 27 -47.19 12.40 24.04
C LYS D 27 -48.48 11.60 24.14
N THR D 28 -49.30 11.70 23.10
CA THR D 28 -50.49 10.86 23.05
C THR D 28 -50.06 9.40 22.97
N TRP D 29 -51.01 8.50 23.28
CA TRP D 29 -50.67 7.08 23.25
C TRP D 29 -50.28 6.63 21.85
N GLN D 30 -51.01 7.09 20.83
CA GLN D 30 -50.71 6.69 19.46
C GLN D 30 -49.36 7.24 19.02
N ALA D 31 -48.97 8.41 19.53
CA ALA D 31 -47.70 9.02 19.14
C ALA D 31 -46.48 8.29 19.69
N ASN D 32 -46.65 7.46 20.72
CA ASN D 32 -45.55 6.70 21.30
C ASN D 32 -45.36 5.32 20.68
N LEU D 33 -46.22 4.91 19.76
CA LEU D 33 -46.09 3.62 19.10
C LEU D 33 -45.32 3.80 17.80
N ARG D 34 -44.28 2.99 17.60
CA ARG D 34 -43.39 3.16 16.46
C ARG D 34 -43.07 1.81 15.84
N LEU D 35 -43.03 1.78 14.50
CA LEU D 35 -42.68 0.56 13.78
C LEU D 35 -41.17 0.36 13.80
N ILE D 36 -40.75 -0.84 14.21
CA ILE D 36 -39.33 -1.18 14.30
C ILE D 36 -38.84 -1.65 12.95
N SER D 37 -39.35 -2.78 12.48
CA SER D 37 -38.97 -3.32 11.17
C SER D 37 -39.92 -4.45 10.82
N LYS D 38 -39.81 -4.91 9.56
CA LYS D 38 -40.65 -5.94 8.97
C LYS D 38 -39.80 -7.08 8.44
N PHE D 39 -40.40 -8.27 8.36
CA PHE D 39 -39.72 -9.46 7.86
C PHE D 39 -40.71 -10.45 7.27
N ASP D 40 -40.20 -11.31 6.38
CA ASP D 40 -41.04 -12.38 5.84
C ASP D 40 -40.26 -13.67 5.57
N THR D 41 -39.12 -13.90 6.22
CA THR D 41 -38.40 -15.16 6.14
C THR D 41 -38.01 -15.61 7.55
N VAL D 42 -37.69 -16.89 7.66
CA VAL D 42 -37.17 -17.41 8.93
C VAL D 42 -35.89 -16.67 9.31
N GLU D 43 -34.96 -16.54 8.37
CA GLU D 43 -33.65 -15.97 8.70
C GLU D 43 -33.77 -14.52 9.14
N ASP D 44 -34.63 -13.74 8.47
CA ASP D 44 -34.81 -12.36 8.87
C ASP D 44 -35.54 -12.24 10.20
N PHE D 45 -36.39 -13.21 10.54
CA PHE D 45 -37.01 -13.21 11.86
C PHE D 45 -35.96 -13.30 12.95
N TRP D 46 -35.02 -14.24 12.82
CA TRP D 46 -34.01 -14.44 13.84
C TRP D 46 -33.00 -13.31 13.88
N ALA D 47 -32.70 -12.71 12.72
CA ALA D 47 -31.81 -11.55 12.72
C ALA D 47 -32.39 -10.42 13.54
N LEU D 48 -33.70 -10.18 13.45
CA LEU D 48 -34.31 -9.15 14.28
C LEU D 48 -34.41 -9.62 15.73
N TYR D 49 -34.84 -10.85 15.97
CA TYR D 49 -35.03 -11.32 17.34
C TYR D 49 -33.72 -11.30 18.11
N ASN D 50 -32.63 -11.78 17.51
CA ASN D 50 -31.36 -11.82 18.22
C ASN D 50 -30.76 -10.44 18.44
N HIS D 51 -31.31 -9.42 17.78
CA HIS D 51 -30.82 -8.05 17.79
C HIS D 51 -31.45 -7.20 18.90
N ILE D 52 -32.61 -7.58 19.41
CA ILE D 52 -33.40 -6.73 20.29
C ILE D 52 -33.39 -7.25 21.73
N GLN D 53 -33.68 -6.33 22.65
CA GLN D 53 -33.77 -6.68 24.06
C GLN D 53 -34.83 -7.75 24.29
N LEU D 54 -34.57 -8.66 25.22
CA LEU D 54 -35.62 -9.57 25.66
C LEU D 54 -36.69 -8.81 26.44
N SER D 55 -37.94 -9.33 26.38
CA SER D 55 -39.05 -8.63 27.02
C SER D 55 -38.82 -8.44 28.51
N SER D 56 -38.13 -9.38 29.17
CA SER D 56 -37.86 -9.25 30.60
C SER D 56 -36.86 -8.15 30.93
N ASN D 57 -36.28 -7.48 29.93
CA ASN D 57 -35.33 -6.40 30.18
C ASN D 57 -35.81 -5.06 29.60
N LEU D 58 -37.10 -4.93 29.31
CA LEU D 58 -37.66 -3.64 28.92
C LEU D 58 -38.09 -2.85 30.15
N MET D 59 -38.06 -1.54 30.03
CA MET D 59 -38.54 -0.68 31.10
C MET D 59 -40.03 -0.92 31.32
N PRO D 60 -40.52 -0.84 32.57
CA PRO D 60 -41.96 -0.93 32.80
C PRO D 60 -42.71 0.11 31.97
N GLY D 61 -43.85 -0.30 31.43
CA GLY D 61 -44.63 0.56 30.58
C GLY D 61 -44.31 0.46 29.09
N CYS D 62 -43.49 -0.51 28.69
CA CYS D 62 -43.14 -0.71 27.29
C CYS D 62 -43.82 -1.97 26.75
N ASP D 63 -44.00 -2.00 25.44
CA ASP D 63 -44.62 -3.13 24.76
C ASP D 63 -43.84 -3.51 23.50
N TYR D 64 -43.81 -4.81 23.23
CA TYR D 64 -43.56 -5.32 21.89
C TYR D 64 -44.89 -5.75 21.30
N SER D 65 -45.07 -5.46 20.01
CA SER D 65 -46.21 -5.94 19.25
C SER D 65 -45.72 -6.47 17.91
N LEU D 66 -46.09 -7.70 17.58
CA LEU D 66 -45.84 -8.32 16.29
C LEU D 66 -47.17 -8.50 15.58
N PHE D 67 -47.34 -7.84 14.43
CA PHE D 67 -48.60 -7.87 13.71
C PHE D 67 -48.35 -8.17 12.25
N LYS D 68 -49.37 -8.76 11.61
CA LYS D 68 -49.32 -8.97 10.18
C LYS D 68 -49.21 -7.64 9.46
N ASP D 69 -48.37 -7.62 8.43
CA ASP D 69 -48.17 -6.41 7.63
C ASP D 69 -49.52 -5.83 7.22
N GLY D 70 -49.68 -4.52 7.43
CA GLY D 70 -50.91 -3.84 7.11
C GLY D 70 -51.90 -3.71 8.25
N ILE D 71 -51.63 -4.31 9.41
CA ILE D 71 -52.47 -4.17 10.60
C ILE D 71 -51.69 -3.42 11.67
N GLU D 72 -52.16 -2.24 12.02
CA GLU D 72 -51.49 -1.49 13.06
C GLU D 72 -51.91 -1.99 14.43
N PRO D 73 -51.00 -1.90 15.47
CA PRO D 73 -51.25 -2.49 16.80
C PRO D 73 -52.21 -1.67 17.67
N MET D 74 -53.41 -1.41 17.16
CA MET D 74 -54.37 -0.60 17.89
C MET D 74 -55.80 -1.12 17.70
N TRP D 75 -56.63 -0.91 18.71
CA TRP D 75 -58.03 -1.33 18.64
C TRP D 75 -58.74 -0.69 17.45
N GLU D 76 -58.32 0.52 17.06
CA GLU D 76 -59.02 1.27 16.04
C GLU D 76 -58.77 0.78 14.63
N ASP D 77 -57.82 -0.14 14.43
CA ASP D 77 -57.56 -0.67 13.09
C ASP D 77 -58.77 -1.47 12.60
N GLU D 78 -59.00 -1.41 11.28
CA GLU D 78 -60.16 -2.06 10.69
C GLU D 78 -60.23 -3.53 11.07
N LYS D 79 -59.09 -4.19 11.15
CA LYS D 79 -59.07 -5.61 11.50
C LYS D 79 -59.00 -5.85 13.00
N ASN D 80 -58.96 -4.78 13.81
CA ASN D 80 -58.96 -4.92 15.25
C ASN D 80 -60.25 -4.44 15.91
N LYS D 81 -61.05 -3.62 15.21
CA LYS D 81 -62.24 -3.04 15.81
C LYS D 81 -63.19 -4.11 16.30
N ARG D 82 -63.45 -5.12 15.47
CA ARG D 82 -64.39 -6.18 15.79
C ARG D 82 -63.75 -7.40 16.44
N GLY D 83 -62.47 -7.32 16.80
CA GLY D 83 -61.74 -8.46 17.27
C GLY D 83 -61.61 -8.54 18.77
N GLY D 84 -60.63 -9.30 19.23
CA GLY D 84 -60.42 -9.52 20.63
C GLY D 84 -59.04 -10.01 20.93
N ARG D 85 -58.89 -10.63 22.10
CA ARG D 85 -57.61 -11.07 22.61
C ARG D 85 -57.77 -12.37 23.37
N TRP D 86 -56.85 -13.31 23.18
CA TRP D 86 -56.64 -14.40 24.12
C TRP D 86 -55.49 -13.96 25.03
N LEU D 87 -55.79 -13.71 26.31
CA LEU D 87 -54.83 -13.05 27.20
C LEU D 87 -54.25 -14.04 28.21
N ILE D 88 -52.93 -14.01 28.36
CA ILE D 88 -52.20 -14.80 29.36
C ILE D 88 -51.67 -13.85 30.42
N THR D 89 -51.96 -14.14 31.69
CA THR D 89 -51.59 -13.29 32.81
C THR D 89 -50.39 -13.85 33.57
N LEU D 90 -49.42 -12.99 33.85
CA LEU D 90 -48.20 -13.35 34.57
C LEU D 90 -48.03 -12.41 35.77
N ASN D 91 -47.74 -13.00 36.94
CA ASN D 91 -47.42 -12.19 38.11
C ASN D 91 -46.00 -11.62 38.01
N LYS D 92 -45.46 -11.16 39.14
CA LYS D 92 -44.10 -10.64 39.14
C LYS D 92 -43.05 -11.75 39.11
N GLN D 93 -43.34 -12.89 39.74
CA GLN D 93 -42.40 -14.01 39.73
C GLN D 93 -42.29 -14.65 38.35
N GLN D 94 -43.35 -14.56 37.55
CA GLN D 94 -43.36 -15.20 36.24
C GLN D 94 -42.58 -14.40 35.19
N ARG D 95 -42.38 -13.10 35.39
CA ARG D 95 -41.51 -12.35 34.51
C ARG D 95 -40.15 -13.03 34.37
N ARG D 96 -39.57 -13.46 35.49
CA ARG D 96 -38.29 -14.15 35.46
C ARG D 96 -38.42 -15.54 34.83
N SER D 97 -39.40 -16.33 35.27
CA SER D 97 -39.45 -17.75 34.95
C SER D 97 -40.06 -18.05 33.59
N ASP D 98 -41.02 -17.26 33.12
CA ASP D 98 -41.87 -17.66 32.00
C ASP D 98 -42.07 -16.59 30.93
N LEU D 99 -41.76 -15.32 31.19
CA LEU D 99 -42.13 -14.25 30.27
C LEU D 99 -41.46 -14.42 28.90
N ASP D 100 -40.13 -14.61 28.89
CA ASP D 100 -39.39 -14.65 27.63
C ASP D 100 -39.66 -15.93 26.83
N ARG D 101 -39.87 -17.06 27.51
CA ARG D 101 -40.14 -18.29 26.76
C ARG D 101 -41.55 -18.27 26.19
N PHE D 102 -42.52 -17.77 26.96
CA PHE D 102 -43.88 -17.64 26.45
C PHE D 102 -43.94 -16.64 25.30
N TRP D 103 -43.16 -15.57 25.40
CA TRP D 103 -43.18 -14.57 24.33
C TRP D 103 -42.53 -15.12 23.05
N LEU D 104 -41.40 -15.82 23.17
CA LEU D 104 -40.79 -16.41 21.98
C LEU D 104 -41.71 -17.45 21.35
N GLU D 105 -42.26 -18.33 22.18
CA GLU D 105 -43.18 -19.33 21.64
C GLU D 105 -44.41 -18.67 21.02
N THR D 106 -44.89 -17.58 21.62
CA THR D 106 -45.98 -16.81 21.01
C THR D 106 -45.59 -16.32 19.62
N LEU D 107 -44.39 -15.75 19.49
CA LEU D 107 -43.91 -15.30 18.19
C LEU D 107 -43.85 -16.45 17.20
N LEU D 108 -43.37 -17.61 17.66
CA LEU D 108 -43.24 -18.76 16.76
C LEU D 108 -44.60 -19.27 16.31
N CYS D 109 -45.60 -19.21 17.20
CA CYS D 109 -46.95 -19.57 16.82
C CYS D 109 -47.47 -18.71 15.68
N LEU D 110 -47.16 -17.40 15.70
CA LEU D 110 -47.66 -16.50 14.66
C LEU D 110 -47.00 -16.77 13.32
N ILE D 111 -45.68 -16.61 13.24
CA ILE D 111 -45.01 -16.68 11.95
C ILE D 111 -45.01 -18.09 11.38
N GLY D 112 -45.13 -19.09 12.24
CA GLY D 112 -45.26 -20.45 11.76
C GLY D 112 -46.66 -20.87 11.39
N GLU D 113 -47.65 -19.98 11.54
CA GLU D 113 -49.06 -20.26 11.22
C GLU D 113 -49.49 -21.57 11.88
N SER D 114 -49.29 -21.65 13.18
CA SER D 114 -49.46 -22.90 13.91
C SER D 114 -50.90 -23.22 14.24
N PHE D 115 -51.86 -22.40 13.80
CA PHE D 115 -53.27 -22.60 14.13
C PHE D 115 -54.05 -23.25 12.98
N ASP D 116 -53.36 -23.96 12.08
CA ASP D 116 -54.01 -24.79 11.06
C ASP D 116 -54.90 -23.89 10.19
N ASP D 117 -56.15 -24.25 9.93
CA ASP D 117 -57.00 -23.49 9.02
C ASP D 117 -57.38 -22.12 9.58
N TYR D 118 -57.31 -21.92 10.88
CA TYR D 118 -57.73 -20.65 11.48
C TYR D 118 -56.59 -19.67 11.68
N SER D 119 -55.42 -19.93 11.12
CA SER D 119 -54.33 -18.96 11.22
C SER D 119 -54.67 -17.66 10.51
N ASP D 120 -55.58 -17.69 9.54
CA ASP D 120 -55.99 -16.46 8.86
C ASP D 120 -56.72 -15.50 9.79
N ASP D 121 -57.24 -16.00 10.91
CA ASP D 121 -57.93 -15.14 11.88
C ASP D 121 -56.99 -14.41 12.83
N VAL D 122 -55.71 -14.76 12.87
CA VAL D 122 -54.77 -14.11 13.76
C VAL D 122 -54.37 -12.76 13.17
N CYS D 123 -54.42 -11.72 14.01
CA CYS D 123 -53.92 -10.39 13.64
C CYS D 123 -52.52 -10.14 14.16
N GLY D 124 -52.23 -10.55 15.38
CA GLY D 124 -50.92 -10.32 15.96
C GLY D 124 -50.91 -10.65 17.43
N ALA D 125 -49.83 -10.23 18.09
CA ALA D 125 -49.66 -10.46 19.52
C ALA D 125 -48.91 -9.27 20.13
N VAL D 126 -49.20 -9.02 21.43
CA VAL D 126 -48.64 -7.92 22.18
C VAL D 126 -48.13 -8.46 23.51
N VAL D 127 -46.95 -8.02 23.94
CA VAL D 127 -46.48 -8.25 25.31
C VAL D 127 -46.35 -6.91 26.03
N ASN D 128 -47.02 -6.80 27.17
CA ASN D 128 -46.98 -5.59 27.99
C ASN D 128 -46.15 -5.88 29.23
N VAL D 129 -45.10 -5.10 29.45
CA VAL D 129 -44.29 -5.21 30.65
C VAL D 129 -44.53 -4.00 31.56
N ARG D 130 -45.02 -4.27 32.78
CA ARG D 130 -45.03 -3.29 33.86
C ARG D 130 -44.90 -4.04 35.18
N ALA D 131 -44.44 -3.33 36.22
CA ALA D 131 -44.16 -3.89 37.53
C ALA D 131 -45.41 -4.44 38.20
N LYS D 132 -46.59 -3.99 37.80
CA LYS D 132 -47.81 -4.53 38.40
C LYS D 132 -48.06 -5.96 37.93
N GLY D 133 -47.70 -6.26 36.69
CA GLY D 133 -47.87 -7.59 36.14
C GLY D 133 -47.81 -7.56 34.63
N ASP D 134 -47.02 -8.45 34.03
CA ASP D 134 -46.90 -8.45 32.58
C ASP D 134 -48.02 -9.28 31.96
N LYS D 135 -48.25 -9.08 30.67
CA LYS D 135 -49.31 -9.77 29.96
C LYS D 135 -48.88 -10.10 28.55
N ILE D 136 -49.26 -11.29 28.08
CA ILE D 136 -49.07 -11.70 26.70
C ILE D 136 -50.43 -12.11 26.14
N ALA D 137 -50.71 -11.67 24.92
CA ALA D 137 -52.00 -11.92 24.30
C ALA D 137 -51.85 -12.06 22.79
N ILE D 138 -52.70 -12.89 22.21
CA ILE D 138 -52.84 -13.01 20.75
C ILE D 138 -54.13 -12.33 20.34
N TRP D 139 -54.05 -11.47 19.33
CA TRP D 139 -55.21 -10.73 18.86
C TRP D 139 -55.82 -11.42 17.66
N THR D 140 -57.14 -11.58 17.67
CA THR D 140 -57.93 -12.14 16.59
C THR D 140 -58.85 -11.06 16.05
N THR D 141 -59.29 -11.20 14.78
CA THR D 141 -59.97 -10.12 14.09
C THR D 141 -61.49 -10.18 14.24
N GLU D 142 -62.04 -11.27 14.79
CA GLU D 142 -63.48 -11.38 14.93
C GLU D 142 -63.80 -12.13 16.21
N CYS D 143 -64.21 -11.39 17.26
CA CYS D 143 -64.58 -12.01 18.52
C CYS D 143 -65.83 -12.87 18.39
N GLU D 144 -66.66 -12.61 17.38
CA GLU D 144 -67.86 -13.39 17.14
C GLU D 144 -67.60 -14.63 16.30
N ASN D 145 -66.39 -14.77 15.74
CA ASN D 145 -65.99 -15.98 15.01
C ASN D 145 -65.61 -17.02 16.06
N ARG D 146 -66.65 -17.64 16.63
CA ARG D 146 -66.48 -18.54 17.77
C ARG D 146 -65.57 -19.72 17.43
N ASP D 147 -65.73 -20.29 16.24
CA ASP D 147 -64.98 -21.50 15.91
C ASP D 147 -63.50 -21.19 15.72
N ALA D 148 -63.19 -20.01 15.18
CA ALA D 148 -61.80 -19.59 15.04
C ALA D 148 -61.17 -19.30 16.39
N VAL D 149 -61.89 -18.57 17.25
CA VAL D 149 -61.34 -18.16 18.54
C VAL D 149 -61.06 -19.37 19.41
N THR D 150 -61.96 -20.35 19.41
CA THR D 150 -61.82 -21.51 20.29
C THR D 150 -60.62 -22.35 19.91
N HIS D 151 -60.41 -22.59 18.61
CA HIS D 151 -59.31 -23.44 18.17
C HIS D 151 -57.96 -22.79 18.47
N ILE D 152 -57.86 -21.48 18.25
CA ILE D 152 -56.63 -20.76 18.59
C ILE D 152 -56.36 -20.82 20.08
N GLY D 153 -57.43 -20.78 20.89
CA GLY D 153 -57.25 -20.77 22.34
C GLY D 153 -56.71 -22.08 22.90
N ARG D 154 -57.20 -23.21 22.38
CA ARG D 154 -56.73 -24.50 22.87
C ARG D 154 -55.29 -24.76 22.44
N VAL D 155 -54.95 -24.41 21.20
CA VAL D 155 -53.58 -24.61 20.71
C VAL D 155 -52.61 -23.76 21.50
N TYR D 156 -52.93 -22.47 21.67
CA TYR D 156 -52.04 -21.55 22.40
C TYR D 156 -51.70 -22.10 23.78
N LYS D 157 -52.70 -22.62 24.49
CA LYS D 157 -52.44 -23.17 25.82
C LYS D 157 -51.51 -24.37 25.74
N GLU D 158 -51.74 -25.26 24.77
CA GLU D 158 -50.90 -26.44 24.65
C GLU D 158 -49.50 -26.09 24.16
N ARG D 159 -49.38 -25.03 23.35
CA ARG D 159 -48.06 -24.60 22.90
C ARG D 159 -47.27 -23.94 24.02
N LEU D 160 -47.95 -23.36 25.00
CA LEU D 160 -47.27 -22.74 26.13
C LEU D 160 -46.94 -23.73 27.22
N GLY D 161 -47.47 -24.96 27.16
CA GLY D 161 -47.24 -25.95 28.19
C GLY D 161 -48.02 -25.72 29.46
N LEU D 162 -49.06 -24.89 29.42
CA LEU D 162 -49.86 -24.63 30.62
C LEU D 162 -50.65 -25.88 30.99
N PRO D 163 -50.69 -26.26 32.26
CA PRO D 163 -51.37 -27.50 32.65
C PRO D 163 -52.87 -27.36 32.53
N PRO D 164 -53.59 -28.47 32.37
CA PRO D 164 -55.06 -28.39 32.33
C PRO D 164 -55.67 -27.73 33.55
N LYS D 165 -54.94 -27.65 34.68
CA LYS D 165 -55.45 -26.99 35.87
C LYS D 165 -55.61 -25.49 35.69
N ILE D 166 -55.00 -24.88 34.68
CA ILE D 166 -55.05 -23.44 34.48
C ILE D 166 -56.01 -23.10 33.35
N VAL D 167 -56.59 -21.91 33.43
CA VAL D 167 -57.55 -21.43 32.44
C VAL D 167 -57.12 -20.05 31.95
N ILE D 168 -57.29 -19.81 30.65
CA ILE D 168 -57.05 -18.51 30.04
C ILE D 168 -58.37 -17.98 29.49
N GLY D 169 -58.47 -16.66 29.38
CA GLY D 169 -59.70 -16.01 28.96
C GLY D 169 -59.51 -15.23 27.68
N TYR D 170 -60.61 -15.07 26.93
CA TYR D 170 -60.64 -14.31 25.68
C TYR D 170 -61.58 -13.12 25.85
N GLN D 171 -61.06 -11.91 25.59
CA GLN D 171 -61.79 -10.67 25.78
C GLN D 171 -61.95 -9.91 24.48
N SER D 172 -63.14 -9.36 24.25
CA SER D 172 -63.36 -8.49 23.11
C SER D 172 -62.68 -7.14 23.34
N HIS D 173 -62.12 -6.56 22.28
CA HIS D 173 -61.47 -5.27 22.41
C HIS D 173 -62.47 -4.16 22.75
N ALA D 174 -63.71 -4.30 22.29
CA ALA D 174 -64.74 -3.31 22.62
C ALA D 174 -64.99 -3.24 24.12
N ASP D 175 -64.96 -4.39 24.81
CA ASP D 175 -65.17 -4.40 26.25
C ASP D 175 -64.02 -3.71 26.98
N THR D 176 -62.78 -3.91 26.53
CA THR D 176 -61.64 -3.31 27.21
C THR D 176 -61.64 -1.79 27.09
N ALA D 177 -61.96 -1.27 25.91
CA ALA D 177 -61.99 0.18 25.70
C ALA D 177 -63.14 0.81 26.47
N THR D 184 -62.89 -7.23 34.09
CA THR D 184 -62.59 -7.41 32.67
C THR D 184 -63.32 -8.64 32.14
N LYS D 185 -64.50 -8.42 31.55
CA LYS D 185 -65.35 -9.52 31.13
C LYS D 185 -64.73 -10.29 29.97
N ASN D 186 -64.98 -11.60 29.96
CA ASN D 186 -64.51 -12.49 28.92
C ASN D 186 -65.69 -13.09 28.17
N ARG D 187 -65.48 -13.34 26.87
CA ARG D 187 -66.49 -13.98 26.03
C ARG D 187 -66.22 -15.46 25.81
N PHE D 188 -65.10 -15.98 26.33
CA PHE D 188 -64.75 -17.38 26.17
C PHE D 188 -63.68 -17.73 27.20
N VAL D 189 -63.54 -19.03 27.45
CA VAL D 189 -62.58 -19.54 28.43
C VAL D 189 -62.05 -20.88 27.94
N VAL D 190 -60.74 -21.07 28.08
CA VAL D 190 -60.10 -22.32 27.69
C VAL D 190 -59.06 -22.71 28.74
O1 G0Z E . -11.50 -20.54 -11.56
C1 G0Z E . -11.21 -21.82 -11.24
N1 G0Z E . -11.06 -22.73 -12.22
C2 G0Z E . -10.78 -24.00 -11.88
N2 G0Z E . -10.63 -24.93 -12.81
N3 G0Z E . -10.65 -24.32 -10.59
C3 G0Z E . -10.80 -23.40 -9.63
C4 G0Z E . -11.07 -22.14 -9.94
N4 G0Z E . -11.16 -21.46 -8.79
C5 G0Z E . -11.45 -20.03 -8.54
C6 G0Z E . -10.94 -22.31 -7.78
N5 G0Z E . -10.74 -23.51 -8.32
C7 G0Z E . -10.40 -24.80 -7.61
O2 G0Z E . -10.78 -24.72 -6.25
C8 G0Z E . -8.91 -24.91 -7.68
O3 G0Z E . -8.58 -26.32 -7.74
C9 G0Z E . -8.49 -24.43 -6.33
O4 G0Z E . -7.22 -24.98 -5.99
C10 G0Z E . -9.64 -24.90 -5.44
C11 G0Z E . -9.87 -23.97 -4.26
O5 G0Z E . -9.90 -22.64 -4.74
P1 G0Z E . -10.47 -21.37 -3.92
O6 G0Z E . -11.60 -21.87 -3.12
O7 G0Z E . -10.71 -20.21 -4.82
O8 G0Z E . -9.21 -21.05 -2.96
P2 G0Z E . -9.54 -20.70 -1.42
S1 G0Z E . -11.14 -19.41 -1.26
O9 G0Z E . -8.33 -20.03 -0.89
O10 G0Z E . -9.96 -22.03 -0.57
P3 G0Z E . -9.29 -22.47 0.83
O11 G0Z E . -10.23 -23.47 1.41
O12 G0Z E . -8.93 -21.27 1.61
O13 G0Z E . -8.01 -23.24 0.38
C12 G0Z E . -6.80 -22.52 0.14
C13 G0Z E . -5.74 -23.49 -0.38
O14 G0Z E . -5.72 -24.52 0.64
C14 G0Z E . -6.20 -24.19 -1.66
O15 G0Z E . -5.05 -24.50 -2.43
C15 G0Z E . -6.89 -25.42 -1.16
O16 G0Z E . -6.88 -26.45 -2.17
C16 G0Z E . -5.95 -25.79 -0.03
N6 G0Z E . -6.63 -26.65 0.97
C17 G0Z E . -7.37 -26.20 1.97
N7 G0Z E . -7.83 -27.26 2.65
C18 G0Z E . -7.36 -28.35 2.06
C19 G0Z E . -6.62 -27.98 1.01
N8 G0Z E . -6.02 -28.88 0.23
C20 G0Z E . -6.17 -30.25 0.51
N9 G0Z E . -6.96 -30.61 1.61
C21 G0Z E . -7.52 -29.64 2.34
N10 G0Z E . -8.28 -29.92 3.41
P4 G0Z E . -4.82 -23.70 -3.79
O17 G0Z E . -3.80 -24.41 -4.60
O18 G0Z E . -6.14 -23.38 -4.40
O19 G0Z E . -4.18 -22.37 -3.20
O20 G0Z E . -0.68 -19.45 -1.93
C22 G0Z E . -2.21 -20.70 0.06
C23 G0Z E . -0.97 -21.36 -0.52
C24 G0Z E . -1.01 -20.85 -1.93
C25 G0Z E . -2.50 -20.98 -2.24
C26 G0Z E . -2.79 -22.30 -2.96
O21 G0Z E . -3.20 -20.96 -0.95
O22 G0Z E . 0.20 -20.83 0.13
N11 G0Z E . -2.59 -21.32 1.35
C1 GOL F . -31.24 -9.26 4.80
O1 GOL F . -30.32 -8.43 5.45
C2 GOL F . -30.88 -9.30 3.31
O2 GOL F . -30.97 -10.61 2.83
C3 GOL F . -31.80 -8.35 2.53
O3 GOL F . -33.03 -8.15 3.21
O1 G0Z G . 12.40 18.18 13.74
C1 G0Z G . 12.86 17.82 14.97
N1 G0Z G . 12.68 18.63 16.01
C2 G0Z G . 13.15 18.26 17.22
N2 G0Z G . 12.97 19.05 18.27
N3 G0Z G . 13.78 17.09 17.35
C3 G0Z G . 13.94 16.28 16.29
C4 G0Z G . 13.48 16.64 15.09
N4 G0Z G . 13.80 15.65 14.24
C5 G0Z G . 13.53 15.54 12.77
C6 G0Z G . 14.45 14.70 14.93
N5 G0Z G . 14.52 15.11 16.20
C7 G0Z G . 15.11 14.50 17.41
O2 G0Z G . 15.93 13.40 17.05
C8 G0Z G . 13.95 13.89 18.18
O3 G0Z G . 14.21 14.03 19.61
C9 G0Z G . 13.98 12.42 17.80
O4 G0Z G . 13.35 11.58 18.78
C10 G0Z G . 15.46 12.16 17.64
C11 G0Z G . 15.71 11.06 16.61
O5 G0Z G . 14.95 11.13 15.41
P1 G0Z G . 15.60 11.05 13.93
O6 G0Z G . 16.87 11.80 13.92
O7 G0Z G . 14.55 11.32 12.92
O8 G0Z G . 16.08 9.59 13.73
P2 G0Z G . 15.31 8.26 13.44
S1 G0Z G . 16.47 7.67 11.83
O9 G0Z G . 13.85 8.24 13.10
O10 G0Z G . 15.67 7.44 14.84
P3 G0Z G . 16.99 6.47 14.99
O11 G0Z G . 18.00 7.25 15.74
O12 G0Z G . 17.33 5.93 13.65
O13 G0Z G . 16.44 5.15 15.76
C1 GOL H . 11.87 0.85 -0.31
O1 GOL H . 12.20 -0.16 0.62
C2 GOL H . 10.37 1.10 -0.22
O2 GOL H . 9.85 0.25 0.80
C3 GOL H . 10.13 2.55 0.17
O3 GOL H . 10.11 2.66 1.57
O1 G0Z I . 53.06 5.69 -26.35
C1 G0Z I . 52.67 5.14 -27.53
N1 G0Z I . 52.25 5.91 -28.53
C2 G0Z I . 51.87 5.34 -29.69
N2 G0Z I . 51.43 6.11 -30.69
N3 G0Z I . 51.92 4.02 -29.82
C3 G0Z I . 52.37 3.25 -28.81
C4 G0Z I . 52.74 3.81 -27.65
N4 G0Z I . 53.12 2.81 -26.84
C5 G0Z I . 53.63 2.85 -25.44
C6 G0Z I . 52.97 1.66 -27.50
N5 G0Z I . 52.50 1.93 -28.71
C7 G0Z I . 52.17 1.03 -29.85
O2 G0Z I . 51.98 -0.34 -29.39
C8 G0Z I . 53.32 0.98 -30.82
O3 G0Z I . 52.81 0.86 -32.17
C9 G0Z I . 54.07 -0.28 -30.48
O4 G0Z I . 54.73 -0.78 -31.65
C10 G0Z I . 52.94 -1.20 -30.06
C11 G0Z I . 53.37 -2.25 -29.00
O5 G0Z I . 54.01 -1.69 -27.86
P1 G0Z I . 53.33 -1.59 -26.40
O6 G0Z I . 51.87 -1.46 -26.61
O7 G0Z I . 54.05 -0.58 -25.58
O8 G0Z I . 53.60 -3.06 -25.80
P2 G0Z I . 55.05 -3.60 -25.32
S1 G0Z I . 54.81 -4.83 -23.67
O9 G0Z I . 56.06 -2.55 -25.05
O10 G0Z I . 55.49 -4.49 -26.61
P3 G0Z I . 54.99 -6.04 -26.81
O11 G0Z I . 54.70 -6.66 -25.50
O12 G0Z I . 55.95 -6.70 -27.72
O13 G0Z I . 53.60 -5.82 -27.59
O1 G0Z J . -56.21 -1.02 21.73
C1 G0Z J . -56.01 0.25 22.18
N1 G0Z J . -56.42 1.31 21.47
C2 G0Z J . -56.20 2.54 21.94
N2 G0Z J . -56.61 3.61 21.24
N3 G0Z J . -55.58 2.71 23.11
C3 G0Z J . -55.18 1.64 23.81
C4 G0Z J . -55.39 0.41 23.35
N4 G0Z J . -54.88 -0.45 24.26
C5 G0Z J . -54.83 -1.93 24.26
C6 G0Z J . -54.37 0.27 25.26
N5 G0Z J . -54.55 1.56 24.97
C7 G0Z J . -54.18 2.78 25.72
O2 G0Z J . -53.22 2.46 26.76
C8 G0Z J . -55.42 3.28 26.45
O3 G0Z J . -55.41 4.71 26.47
C9 G0Z J . -55.28 2.75 27.86
O4 G0Z J . -55.93 3.63 28.77
C10 G0Z J . -53.76 2.81 28.05
C11 G0Z J . -53.25 1.73 29.02
O5 G0Z J . -53.73 0.40 28.74
P1 G0Z J . -52.78 -0.81 28.23
O6 G0Z J . -51.74 -0.25 27.35
O7 G0Z J . -53.64 -1.92 27.75
O8 G0Z J . -52.08 -1.27 29.61
P2 G0Z J . -52.78 -2.16 30.75
S1 G0Z J . -51.32 -3.24 31.76
O9 G0Z J . -53.90 -3.04 30.29
O10 G0Z J . -53.31 -1.06 31.81
P3 G0Z J . -52.28 -0.50 32.92
O11 G0Z J . -52.78 0.82 33.37
O12 G0Z J . -50.91 -0.61 32.36
O13 G0Z J . -52.45 -1.56 34.11
#